data_7Q93
#
_entry.id   7Q93
#
_cell.length_a   58.665
_cell.length_b   133.721
_cell.length_c   87.795
_cell.angle_alpha   90.000
_cell.angle_beta   101.047
_cell.angle_gamma   90.000
#
_symmetry.space_group_name_H-M   'P 1 21 1'
#
loop_
_entity.id
_entity.type
_entity.pdbx_description
1 polymer 'NADQ transcription factor'
2 non-polymer GLYCEROL
3 non-polymer NICOTINAMIDE-ADENINE-DINUCLEOTIDE
4 non-polymer 'POTASSIUM ION'
5 water water
#
_entity_poly.entity_id   1
_entity_poly.type   'polypeptide(L)'
_entity_poly.pdbx_seq_one_letter_code
;(MSE)RGSHHHHHHG(MSE)AS(MSE)TGGQQ(MSE)GRDLYDDDDKDHPFTVTIGLAHAELIAVVTAITTDEPRV
(MSE)TVREGAALPSGPFEFGHRTLQSGLREWIHEQTHHPVGYLEQLYTFADRDRNNEILGGRTISIGYLGLVREQEAPS
GKSAFWHGWYEYFPWEDHRQGRPDILDSIIDKLRAWADSEPDSRAQRHLRADFTFGLDGGGWNEELTLQRYELLYEAGLV
GEAQSEPRINFGRP(MSE)FADHRRILATGIARLRAKIKYRPVVFEL(MSE)ADSFTLLQLQRAIEALAGLTLHKQNFRR
LIEQQQLVEETGD(MSE)ATETGGRPAKLFRFRQTVLDERALSGTKLPLSRN
;
_entity_poly.pdbx_strand_id   A,B,C,D
#
# COMPACT_ATOMS: atom_id res chain seq x y z
N ILE A 39 -1.83 36.68 -41.46
CA ILE A 39 -2.98 35.81 -41.21
C ILE A 39 -2.68 34.88 -40.03
N GLY A 40 -3.72 34.45 -39.34
CA GLY A 40 -3.57 33.51 -38.25
C GLY A 40 -2.84 34.05 -37.03
N LEU A 41 -2.89 35.36 -36.81
CA LEU A 41 -2.24 35.95 -35.65
C LEU A 41 -3.15 35.89 -34.43
N ALA A 42 -2.53 35.90 -33.25
CA ALA A 42 -3.28 35.85 -32.01
C ALA A 42 -2.45 36.45 -30.88
N HIS A 43 -3.14 37.09 -29.94
CA HIS A 43 -2.52 37.59 -28.71
C HIS A 43 -2.80 36.60 -27.59
N ALA A 44 -1.75 36.21 -26.87
CA ALA A 44 -1.85 35.18 -25.84
C ALA A 44 -1.67 35.79 -24.46
N GLU A 45 -2.64 35.54 -23.58
CA GLU A 45 -2.55 35.87 -22.17
C GLU A 45 -2.28 34.60 -21.37
N LEU A 46 -1.40 34.70 -20.38
CA LEU A 46 -1.05 33.59 -19.51
C LEU A 46 -1.67 33.84 -18.15
N ILE A 47 -2.40 32.84 -17.64
CA ILE A 47 -3.23 33.01 -16.44
C ILE A 47 -2.91 31.88 -15.47
N ALA A 48 -2.65 32.24 -14.21
CA ALA A 48 -2.16 31.30 -13.21
C ALA A 48 -3.24 30.97 -12.19
N VAL A 49 -3.49 29.68 -12.00
CA VAL A 49 -4.34 29.18 -10.92
C VAL A 49 -3.39 28.54 -9.90
N VAL A 50 -3.05 29.27 -8.85
CA VAL A 50 -2.14 28.81 -7.81
C VAL A 50 -2.96 28.52 -6.56
N THR A 51 -2.97 27.26 -6.14
CA THR A 51 -3.84 26.79 -5.07
C THR A 51 -3.02 26.46 -3.83
N ALA A 52 -3.52 26.87 -2.68
CA ALA A 52 -3.01 26.47 -1.38
C ALA A 52 -4.17 25.94 -0.54
N ILE A 53 -3.83 25.30 0.57
CA ILE A 53 -4.82 24.80 1.53
C ILE A 53 -4.50 25.40 2.89
N THR A 54 -5.44 26.19 3.41
CA THR A 54 -5.27 26.87 4.69
C THR A 54 -6.53 26.66 5.52
N THR A 55 -6.35 26.15 6.74
CA THR A 55 -7.46 25.81 7.64
C THR A 55 -8.51 24.97 6.94
N ASP A 56 -8.05 23.90 6.29
CA ASP A 56 -8.91 22.95 5.57
C ASP A 56 -9.80 23.65 4.55
N GLU A 57 -9.29 24.71 3.93
CA GLU A 57 -10.01 25.43 2.89
C GLU A 57 -9.10 25.59 1.68
N PRO A 58 -9.55 25.17 0.49
CA PRO A 58 -8.74 25.41 -0.72
C PRO A 58 -8.80 26.88 -1.10
N ARG A 59 -7.64 27.48 -1.34
CA ARG A 59 -7.54 28.90 -1.60
C ARG A 59 -6.72 29.15 -2.86
N VAL A 60 -7.16 30.12 -3.65
CA VAL A 60 -6.49 30.49 -4.90
C VAL A 60 -5.81 31.85 -4.72
N THR A 62 -4.77 35.43 -5.71
CA THR A 62 -5.45 36.45 -6.49
C THR A 62 -4.71 37.77 -6.38
N VAL A 63 -4.91 38.61 -7.39
CA VAL A 63 -4.52 40.02 -7.35
C VAL A 63 -5.81 40.82 -7.44
N ARG A 64 -5.71 42.15 -7.50
CA ARG A 64 -6.89 43.00 -7.72
C ARG A 64 -7.93 42.79 -6.60
N GLU A 65 -7.43 42.54 -5.39
CA GLU A 65 -8.28 42.36 -4.20
C GLU A 65 -9.26 41.21 -4.38
N GLY A 66 -8.81 40.12 -4.99
CA GLY A 66 -9.64 38.95 -5.19
C GLY A 66 -10.51 38.97 -6.41
N ALA A 67 -10.38 39.98 -7.27
CA ALA A 67 -11.22 40.09 -8.46
C ALA A 67 -10.60 39.46 -9.69
N ALA A 68 -9.32 39.09 -9.64
CA ALA A 68 -8.65 38.52 -10.81
C ALA A 68 -7.53 37.59 -10.36
N LEU A 69 -7.21 36.65 -11.24
CA LEU A 69 -6.05 35.79 -11.07
C LEU A 69 -4.80 36.50 -11.55
N PRO A 70 -3.62 36.09 -11.08
CA PRO A 70 -2.38 36.62 -11.66
C PRO A 70 -2.30 36.26 -13.13
N SER A 71 -1.95 37.25 -13.95
CA SER A 71 -1.97 37.03 -15.40
C SER A 71 -1.10 38.07 -16.08
N GLY A 72 -0.77 37.79 -17.34
CA GLY A 72 0.05 38.67 -18.13
C GLY A 72 0.21 38.16 -19.55
N PRO A 73 0.57 39.05 -20.47
CA PRO A 73 0.71 38.65 -21.87
C PRO A 73 1.96 37.81 -22.11
N PHE A 74 1.86 36.91 -23.07
CA PHE A 74 3.02 36.21 -23.60
C PHE A 74 3.77 37.13 -24.56
N GLU A 75 5.07 37.31 -24.30
CA GLU A 75 5.89 38.25 -25.04
C GLU A 75 6.99 37.53 -25.80
N PHE A 76 7.60 38.25 -26.74
CA PHE A 76 8.63 37.66 -27.59
C PHE A 76 9.81 37.15 -26.78
N GLY A 77 10.23 37.92 -25.76
CA GLY A 77 11.39 37.54 -24.96
C GLY A 77 11.16 36.35 -24.05
N HIS A 78 9.91 35.93 -23.85
CA HIS A 78 9.61 34.79 -23.00
C HIS A 78 10.06 33.50 -23.69
N ARG A 79 11.00 32.79 -23.05
CA ARG A 79 11.54 31.58 -23.66
C ARG A 79 10.44 30.53 -23.87
N THR A 80 9.63 30.30 -22.85
CA THR A 80 8.49 29.40 -22.94
C THR A 80 7.25 30.12 -22.41
N LEU A 81 6.09 29.49 -22.62
CA LEU A 81 4.86 30.02 -22.04
C LEU A 81 4.92 29.98 -20.52
N GLN A 82 5.46 28.90 -19.96
CA GLN A 82 5.52 28.76 -18.50
C GLN A 82 6.48 29.76 -17.89
N SER A 83 7.63 29.98 -18.53
CA SER A 83 8.59 30.95 -18.02
C SER A 83 8.02 32.36 -18.07
N GLY A 84 7.22 32.67 -19.09
CA GLY A 84 6.58 33.96 -19.14
C GLY A 84 5.57 34.17 -18.03
N LEU A 85 4.80 33.12 -17.71
CA LEU A 85 3.83 33.22 -16.62
C LEU A 85 4.53 33.36 -15.27
N ARG A 86 5.66 32.66 -15.09
CA ARG A 86 6.41 32.77 -13.84
C ARG A 86 6.84 34.21 -13.58
N GLU A 87 7.21 34.93 -14.64
CA GLU A 87 7.59 36.32 -14.48
C GLU A 87 6.41 37.19 -14.08
N TRP A 88 5.22 36.89 -14.61
CA TRP A 88 4.04 37.67 -14.25
C TRP A 88 3.58 37.37 -12.82
N ILE A 89 3.75 36.12 -12.36
CA ILE A 89 3.40 35.81 -10.98
C ILE A 89 4.35 36.54 -10.03
N HIS A 90 5.61 36.69 -10.43
CA HIS A 90 6.61 37.31 -9.58
C HIS A 90 6.30 38.78 -9.35
N GLU A 91 6.03 39.51 -10.44
CA GLU A 91 5.80 40.94 -10.35
C GLU A 91 4.53 41.26 -9.59
N GLN A 92 3.47 40.46 -9.75
CA GLN A 92 2.16 40.76 -9.20
C GLN A 92 1.95 40.25 -7.77
N THR A 93 2.69 39.23 -7.34
CA THR A 93 2.45 38.65 -6.01
C THR A 93 3.73 38.54 -5.20
N HIS A 94 4.86 38.38 -5.90
CA HIS A 94 6.16 38.16 -5.25
C HIS A 94 6.12 36.94 -4.32
N HIS A 95 5.21 36.00 -4.61
CA HIS A 95 5.06 34.77 -3.84
C HIS A 95 5.69 33.63 -4.61
N PRO A 96 6.50 32.79 -3.97
CA PRO A 96 7.13 31.68 -4.68
C PRO A 96 6.10 30.68 -5.19
N VAL A 97 6.44 30.06 -6.32
CA VAL A 97 5.63 28.98 -6.90
C VAL A 97 6.56 27.83 -7.28
N GLY A 98 6.08 26.62 -7.09
CA GLY A 98 6.87 25.45 -7.41
C GLY A 98 6.63 24.98 -8.84
N TYR A 99 6.11 23.76 -8.99
CA TYR A 99 5.83 23.23 -10.30
C TYR A 99 4.54 23.81 -10.86
N LEU A 100 4.46 23.86 -12.18
CA LEU A 100 3.27 24.30 -12.90
C LEU A 100 2.94 23.27 -13.96
N GLU A 101 1.64 23.04 -14.17
CA GLU A 101 1.17 22.20 -15.26
C GLU A 101 0.18 23.00 -16.08
N GLN A 102 0.26 22.84 -17.40
CA GLN A 102 -0.63 23.58 -18.29
C GLN A 102 -2.04 23.04 -18.18
N LEU A 103 -3.01 23.95 -18.12
CA LEU A 103 -4.40 23.57 -17.94
C LEU A 103 -5.11 23.40 -19.27
N TYR A 104 -5.43 24.50 -19.93
CA TYR A 104 -6.28 24.50 -21.12
C TYR A 104 -6.11 25.83 -21.83
N THR A 105 -6.33 25.83 -23.14
CA THR A 105 -6.26 27.03 -23.95
C THR A 105 -7.66 27.38 -24.44
N PHE A 106 -8.10 28.60 -24.14
CA PHE A 106 -9.41 29.09 -24.53
C PHE A 106 -9.27 30.20 -25.57
N ALA A 107 -10.24 30.27 -26.48
CA ALA A 107 -10.28 31.32 -27.48
C ALA A 107 -11.46 32.25 -27.25
N ASP A 108 -11.38 33.44 -27.84
CA ASP A 108 -12.44 34.43 -27.73
C ASP A 108 -13.53 34.15 -28.75
N ARG A 109 -14.74 34.60 -28.43
CA ARG A 109 -15.86 34.48 -29.36
C ARG A 109 -16.55 35.83 -29.58
N ASN A 113 -13.12 43.29 -32.78
CA ASN A 113 -12.03 42.35 -32.53
C ASN A 113 -11.01 42.40 -33.67
N GLU A 114 -11.40 43.03 -34.78
CA GLU A 114 -10.47 43.18 -35.90
C GLU A 114 -9.37 44.19 -35.60
N ILE A 115 -9.64 45.15 -34.72
CA ILE A 115 -8.66 46.19 -34.42
C ILE A 115 -7.45 45.63 -33.68
N LEU A 116 -7.61 44.49 -33.00
CA LEU A 116 -6.50 43.89 -32.28
C LEU A 116 -5.47 43.24 -33.20
N GLY A 117 -5.79 43.09 -34.49
CA GLY A 117 -4.90 42.43 -35.42
C GLY A 117 -4.96 40.92 -35.40
N GLY A 118 -5.68 40.32 -34.46
CA GLY A 118 -5.78 38.88 -34.39
C GLY A 118 -6.66 38.47 -33.23
N ARG A 119 -6.91 37.17 -33.15
CA ARG A 119 -7.69 36.63 -32.05
C ARG A 119 -6.93 36.78 -30.73
N THR A 120 -7.62 36.50 -29.63
CA THR A 120 -7.01 36.46 -28.32
C THR A 120 -7.23 35.08 -27.71
N ILE A 121 -6.17 34.51 -27.16
CA ILE A 121 -6.26 33.21 -26.52
C ILE A 121 -5.80 33.34 -25.06
N SER A 122 -6.37 32.50 -24.20
CA SER A 122 -6.03 32.47 -22.78
C SER A 122 -5.50 31.09 -22.45
N ILE A 123 -4.29 31.04 -21.89
CA ILE A 123 -3.62 29.78 -21.56
C ILE A 123 -3.48 29.72 -20.03
N GLY A 124 -4.14 28.75 -19.43
CA GLY A 124 -4.14 28.58 -17.99
C GLY A 124 -3.13 27.56 -17.52
N TYR A 125 -2.59 27.80 -16.32
CA TYR A 125 -1.66 26.89 -15.66
C TYR A 125 -2.11 26.67 -14.22
N LEU A 126 -1.79 25.51 -13.68
CA LEU A 126 -2.14 25.13 -12.32
C LEU A 126 -0.88 24.99 -11.49
N GLY A 127 -0.88 25.59 -10.31
CA GLY A 127 0.22 25.46 -9.38
C GLY A 127 -0.25 25.19 -7.98
N LEU A 128 0.50 24.35 -7.27
CA LEU A 128 0.24 24.01 -5.88
C LEU A 128 1.38 24.54 -5.02
N VAL A 129 1.04 25.27 -3.95
CA VAL A 129 2.02 25.88 -3.07
C VAL A 129 1.53 25.81 -1.63
N ARG A 130 2.42 26.18 -0.71
CA ARG A 130 2.08 26.47 0.67
C ARG A 130 2.01 27.99 0.83
N GLU A 131 0.92 28.47 1.42
CA GLU A 131 0.71 29.91 1.55
C GLU A 131 1.78 30.53 2.45
N GLN A 132 2.27 31.70 2.04
CA GLN A 132 3.24 32.46 2.81
C GLN A 132 2.73 33.88 3.04
N GLU A 133 3.09 34.44 4.20
CA GLU A 133 2.72 35.80 4.55
C GLU A 133 3.71 36.79 3.94
N PHE A 141 -5.63 38.60 -0.85
CA PHE A 141 -4.91 38.08 -2.02
C PHE A 141 -4.97 36.56 -2.08
N TRP A 142 -5.32 35.93 -0.97
CA TRP A 142 -5.67 34.51 -0.92
C TRP A 142 -7.15 34.41 -0.60
N HIS A 143 -7.94 34.00 -1.58
CA HIS A 143 -9.38 33.82 -1.40
C HIS A 143 -9.76 32.37 -1.64
N GLY A 144 -10.85 31.95 -1.02
CA GLY A 144 -11.25 30.56 -1.11
C GLY A 144 -11.85 30.23 -2.47
N TRP A 145 -11.61 28.99 -2.90
CA TRP A 145 -12.24 28.47 -4.12
C TRP A 145 -13.74 28.71 -4.11
N TYR A 146 -14.40 28.34 -3.00
CA TYR A 146 -15.84 28.28 -2.93
C TYR A 146 -16.49 29.63 -2.69
N GLU A 147 -15.69 30.70 -2.53
CA GLU A 147 -16.24 32.04 -2.68
C GLU A 147 -16.68 32.27 -4.12
N TYR A 148 -15.89 31.81 -5.08
CA TYR A 148 -16.23 31.97 -6.49
C TYR A 148 -17.14 30.85 -6.99
N PHE A 149 -17.04 29.66 -6.40
CA PHE A 149 -17.81 28.49 -6.81
C PHE A 149 -18.49 27.87 -5.59
N PRO A 150 -19.45 28.55 -4.98
CA PRO A 150 -20.10 28.00 -3.78
C PRO A 150 -20.81 26.68 -4.00
N TRP A 151 -21.32 26.43 -5.21
CA TRP A 151 -22.04 25.20 -5.47
C TRP A 151 -21.13 23.99 -5.60
N GLU A 152 -19.80 24.18 -5.59
CA GLU A 152 -18.87 23.08 -5.78
C GLU A 152 -18.45 22.41 -4.46
N ASP A 153 -18.86 22.93 -3.32
CA ASP A 153 -18.50 22.38 -2.02
C ASP A 153 -19.71 21.62 -1.46
N HIS A 154 -19.61 20.30 -1.42
CA HIS A 154 -20.65 19.44 -0.85
C HIS A 154 -20.16 18.69 0.38
N ARG A 155 -19.15 19.24 1.06
CA ARG A 155 -18.56 18.55 2.21
C ARG A 155 -19.56 18.38 3.34
N GLN A 156 -20.35 19.42 3.61
CA GLN A 156 -21.39 19.37 4.65
C GLN A 156 -22.77 19.16 4.06
N GLY A 157 -22.87 18.39 2.98
CA GLY A 157 -24.12 18.17 2.28
C GLY A 157 -24.29 19.10 1.09
N ARG A 158 -25.34 18.84 0.34
CA ARG A 158 -25.64 19.62 -0.86
C ARG A 158 -25.94 21.06 -0.49
N PRO A 159 -25.22 22.04 -1.05
CA PRO A 159 -25.46 23.44 -0.67
C PRO A 159 -26.82 23.93 -1.14
N ASP A 160 -27.45 24.78 -0.32
CA ASP A 160 -28.78 25.29 -0.63
C ASP A 160 -28.80 26.18 -1.86
N ILE A 161 -27.68 26.79 -2.21
CA ILE A 161 -27.62 27.64 -3.40
C ILE A 161 -27.93 26.84 -4.67
N LEU A 162 -27.80 25.51 -4.61
CA LEU A 162 -28.11 24.69 -5.78
C LEU A 162 -29.59 24.70 -6.11
N ASP A 163 -30.46 24.80 -5.09
CA ASP A 163 -31.90 24.87 -5.35
C ASP A 163 -32.23 26.06 -6.24
N SER A 164 -31.63 27.22 -5.96
CA SER A 164 -31.87 28.39 -6.80
C SER A 164 -31.24 28.21 -8.19
N ILE A 165 -30.09 27.55 -8.26
CA ILE A 165 -29.44 27.31 -9.54
C ILE A 165 -30.27 26.35 -10.39
N ILE A 166 -30.77 25.27 -9.78
CA ILE A 166 -31.59 24.32 -10.52
C ILE A 166 -32.85 24.99 -11.05
N ASP A 167 -33.45 25.88 -10.25
CA ASP A 167 -34.67 26.56 -10.68
C ASP A 167 -34.41 27.42 -11.92
N LYS A 168 -33.32 28.18 -11.90
CA LYS A 168 -33.01 29.04 -13.06
C LYS A 168 -32.60 28.21 -14.27
N LEU A 169 -31.93 27.07 -14.06
CA LEU A 169 -31.56 26.22 -15.18
C LEU A 169 -32.78 25.57 -15.82
N ARG A 170 -33.76 25.17 -15.00
CA ARG A 170 -34.96 24.55 -15.55
C ARG A 170 -35.74 25.51 -16.44
N ALA A 171 -35.91 26.75 -15.97
CA ALA A 171 -36.60 27.76 -16.77
C ALA A 171 -35.85 28.02 -18.08
N TRP A 172 -34.52 28.08 -18.02
CA TRP A 172 -33.74 28.25 -19.24
C TRP A 172 -33.89 27.06 -20.17
N ALA A 173 -33.85 25.85 -19.62
CA ALA A 173 -33.98 24.64 -20.45
C ALA A 173 -35.37 24.47 -21.04
N ASP A 174 -36.40 25.06 -20.42
CA ASP A 174 -37.76 24.98 -20.95
C ASP A 174 -38.15 26.18 -21.79
N SER A 175 -37.32 27.22 -21.85
CA SER A 175 -37.67 28.44 -22.56
C SER A 175 -37.78 28.23 -24.06
N GLU A 176 -37.09 27.23 -24.61
CA GLU A 176 -37.05 26.99 -26.05
C GLU A 176 -37.37 25.52 -26.33
N PRO A 177 -38.60 25.22 -26.76
CA PRO A 177 -39.01 23.80 -26.88
C PRO A 177 -38.13 22.96 -27.77
N ASP A 178 -37.64 23.51 -28.88
CA ASP A 178 -36.80 22.71 -29.77
C ASP A 178 -35.43 22.39 -29.18
N SER A 179 -35.08 22.99 -28.05
CA SER A 179 -33.83 22.69 -27.35
C SER A 179 -34.08 22.14 -25.95
N ARG A 180 -35.33 21.82 -25.62
CA ARG A 180 -35.69 21.40 -24.27
C ARG A 180 -34.92 20.15 -23.85
N ALA A 181 -35.13 19.04 -24.57
CA ALA A 181 -34.51 17.78 -24.19
C ALA A 181 -32.98 17.87 -24.26
N GLN A 182 -32.46 18.57 -25.25
CA GLN A 182 -31.01 18.68 -25.38
C GLN A 182 -30.39 19.47 -24.24
N ARG A 183 -31.13 20.43 -23.69
CA ARG A 183 -30.67 21.21 -22.54
C ARG A 183 -30.93 20.52 -21.21
N HIS A 184 -32.03 19.78 -21.10
CA HIS A 184 -32.25 18.98 -19.90
C HIS A 184 -31.16 17.91 -19.75
N LEU A 185 -30.72 17.33 -20.86
CA LEU A 185 -29.66 16.33 -20.81
C LEU A 185 -28.35 16.93 -20.32
N ARG A 186 -28.03 18.15 -20.74
CA ARG A 186 -26.80 18.78 -20.27
C ARG A 186 -26.90 19.20 -18.81
N ALA A 187 -28.03 19.79 -18.43
CA ALA A 187 -28.20 20.25 -17.05
C ALA A 187 -28.27 19.08 -16.07
N ASP A 188 -28.72 17.92 -16.53
CA ASP A 188 -28.73 16.74 -15.67
C ASP A 188 -27.34 16.14 -15.53
N PHE A 189 -26.59 16.09 -16.64
CA PHE A 189 -25.23 15.56 -16.60
C PHE A 189 -24.33 16.41 -15.70
N THR A 190 -24.49 17.72 -15.75
CA THR A 190 -23.61 18.63 -14.99
C THR A 190 -24.16 18.97 -13.61
N PHE A 191 -25.45 19.25 -13.50
CA PHE A 191 -26.04 19.68 -12.24
C PHE A 191 -27.07 18.73 -11.67
N GLY A 192 -27.48 17.70 -12.39
CA GLY A 192 -28.52 16.82 -11.89
C GLY A 192 -29.86 17.49 -11.83
N LEU A 193 -30.23 18.19 -12.91
CA LEU A 193 -31.53 18.85 -12.99
C LEU A 193 -32.67 17.84 -12.99
N ASP A 194 -32.48 16.70 -13.65
CA ASP A 194 -33.50 15.66 -13.73
C ASP A 194 -33.32 14.56 -12.69
N GLY A 195 -32.25 14.61 -11.90
CA GLY A 195 -32.04 13.61 -10.86
C GLY A 195 -30.73 12.86 -10.99
N GLY A 196 -29.84 13.33 -11.87
CA GLY A 196 -28.56 12.69 -12.05
C GLY A 196 -27.65 12.89 -10.86
N GLY A 197 -26.69 11.96 -10.72
CA GLY A 197 -25.74 12.04 -9.64
C GLY A 197 -24.77 13.19 -9.81
N TRP A 198 -24.10 13.53 -8.70
CA TRP A 198 -23.12 14.61 -8.68
C TRP A 198 -21.75 14.06 -9.05
N ASN A 199 -21.14 14.66 -10.07
CA ASN A 199 -19.76 14.36 -10.48
C ASN A 199 -18.93 15.61 -10.21
N GLU A 200 -18.04 15.51 -9.22
CA GLU A 200 -17.27 16.68 -8.80
C GLU A 200 -16.22 17.11 -9.82
N GLU A 201 -15.92 16.27 -10.82
CA GLU A 201 -14.95 16.62 -11.84
C GLU A 201 -15.51 17.60 -12.86
N LEU A 202 -16.82 17.71 -12.99
CA LEU A 202 -17.45 18.50 -14.04
C LEU A 202 -17.54 19.98 -13.71
N THR A 203 -16.54 20.53 -13.04
CA THR A 203 -16.61 21.94 -12.62
C THR A 203 -16.64 22.88 -13.81
N LEU A 204 -15.82 22.61 -14.83
CA LEU A 204 -15.80 23.49 -16.00
C LEU A 204 -17.11 23.41 -16.77
N GLN A 205 -17.59 22.19 -17.04
CA GLN A 205 -18.83 22.03 -17.79
C GLN A 205 -20.01 22.67 -17.06
N ARG A 206 -19.98 22.67 -15.73
CA ARG A 206 -21.02 23.36 -14.97
C ARG A 206 -20.95 24.86 -15.17
N TYR A 207 -19.75 25.43 -15.08
CA TYR A 207 -19.61 26.88 -15.24
C TYR A 207 -20.00 27.32 -16.64
N GLU A 208 -19.56 26.58 -17.66
CA GLU A 208 -19.87 26.96 -19.03
C GLU A 208 -21.36 26.86 -19.32
N LEU A 209 -22.06 25.92 -18.69
CA LEU A 209 -23.52 25.86 -18.83
C LEU A 209 -24.17 27.06 -18.17
N LEU A 210 -23.69 27.47 -16.99
CA LEU A 210 -24.22 28.66 -16.36
C LEU A 210 -23.97 29.89 -17.21
N TYR A 211 -22.77 29.99 -17.79
CA TYR A 211 -22.47 31.08 -18.70
C TYR A 211 -23.42 31.08 -19.89
N GLU A 212 -23.58 29.91 -20.52
CA GLU A 212 -24.45 29.82 -21.69
C GLU A 212 -25.91 30.13 -21.34
N ALA A 213 -26.35 29.76 -20.14
CA ALA A 213 -27.69 30.09 -19.68
C ALA A 213 -27.80 31.51 -19.13
N GLY A 214 -26.71 32.26 -19.08
CA GLY A 214 -26.74 33.61 -18.56
C GLY A 214 -26.98 33.68 -17.06
N LEU A 215 -26.43 32.73 -16.31
CA LEU A 215 -26.65 32.66 -14.87
C LEU A 215 -25.42 33.08 -14.06
N VAL A 216 -24.34 33.50 -14.72
CA VAL A 216 -23.19 34.09 -14.06
C VAL A 216 -23.01 35.50 -14.58
N GLY A 217 -22.49 36.39 -13.71
CA GLY A 217 -22.35 37.79 -14.07
C GLY A 217 -21.46 38.01 -15.29
N GLU A 218 -20.49 37.13 -15.52
CA GLU A 218 -19.62 37.25 -16.67
C GLU A 218 -20.37 37.12 -17.98
N ALA A 219 -21.53 36.45 -17.98
CA ALA A 219 -22.30 36.29 -19.20
C ALA A 219 -23.10 37.54 -19.56
N GLN A 220 -23.26 38.47 -18.62
CA GLN A 220 -24.03 39.71 -18.78
C GLN A 220 -25.25 39.57 -19.70
N ILE A 225 -28.45 38.06 -13.67
CA ILE A 225 -28.44 36.90 -12.79
C ILE A 225 -27.01 36.41 -12.59
N ASN A 226 -26.63 36.17 -11.33
CA ASN A 226 -25.28 35.70 -11.03
C ASN A 226 -25.30 34.82 -9.79
N PHE A 227 -24.49 33.76 -9.83
CA PHE A 227 -24.22 32.91 -8.69
C PHE A 227 -22.71 32.88 -8.47
N GLY A 228 -22.30 32.99 -7.20
CA GLY A 228 -20.90 33.03 -6.85
C GLY A 228 -20.25 34.37 -7.18
N ARG A 229 -19.12 34.65 -6.56
CA ARG A 229 -18.44 35.93 -6.80
C ARG A 229 -17.79 35.92 -8.18
N PRO A 230 -18.11 36.89 -9.04
CA PRO A 230 -17.48 36.91 -10.37
C PRO A 230 -16.04 37.37 -10.31
N PHE A 232 -12.82 39.20 -13.03
CA PHE A 232 -12.61 39.94 -14.25
C PHE A 232 -12.27 39.00 -15.41
N ALA A 233 -12.66 39.41 -16.60
CA ALA A 233 -12.38 38.69 -17.86
C ALA A 233 -12.97 37.28 -17.74
N ASP A 234 -12.25 36.25 -18.20
CA ASP A 234 -12.72 34.87 -18.18
C ASP A 234 -12.07 34.07 -17.06
N HIS A 235 -11.71 34.73 -15.95
CA HIS A 235 -10.82 34.10 -14.97
C HIS A 235 -11.53 33.03 -14.15
N ARG A 236 -12.84 33.14 -13.96
CA ARG A 236 -13.54 32.04 -13.30
C ARG A 236 -13.58 30.79 -14.17
N ARG A 237 -13.62 30.97 -15.50
CA ARG A 237 -13.52 29.82 -16.39
C ARG A 237 -12.17 29.13 -16.24
N ILE A 238 -11.09 29.91 -16.12
CA ILE A 238 -9.78 29.33 -15.89
C ILE A 238 -9.73 28.63 -14.53
N LEU A 239 -10.29 29.28 -13.50
CA LEU A 239 -10.29 28.68 -12.17
C LEU A 239 -11.07 27.36 -12.16
N ALA A 240 -12.22 27.33 -12.85
CA ALA A 240 -12.99 26.09 -12.93
C ALA A 240 -12.19 24.99 -13.61
N THR A 241 -11.35 25.34 -14.59
CA THR A 241 -10.49 24.35 -15.23
C THR A 241 -9.44 23.83 -14.26
N GLY A 242 -8.89 24.70 -13.41
CA GLY A 242 -7.91 24.26 -12.44
C GLY A 242 -8.51 23.36 -11.36
N ILE A 243 -9.73 23.69 -10.90
CA ILE A 243 -10.40 22.87 -9.92
C ILE A 243 -10.67 21.47 -10.47
N ALA A 244 -11.16 21.40 -11.71
CA ALA A 244 -11.47 20.10 -12.31
C ALA A 244 -10.21 19.27 -12.52
N ARG A 245 -9.12 19.91 -12.93
CA ARG A 245 -7.86 19.19 -13.11
C ARG A 245 -7.38 18.57 -11.81
N LEU A 246 -7.39 19.35 -10.73
CA LEU A 246 -6.90 18.86 -9.45
C LEU A 246 -7.79 17.74 -8.91
N ARG A 247 -9.09 17.80 -9.19
CA ARG A 247 -10.00 16.75 -8.73
C ARG A 247 -9.83 15.47 -9.54
N ALA A 248 -9.50 15.58 -10.83
CA ALA A 248 -9.13 14.39 -11.58
C ALA A 248 -7.82 13.80 -11.08
N LYS A 249 -6.89 14.66 -10.64
CA LYS A 249 -5.59 14.20 -10.17
C LYS A 249 -5.73 13.44 -8.85
N ILE A 250 -6.45 13.99 -7.88
CA ILE A 250 -6.51 13.37 -6.56
C ILE A 250 -7.34 12.09 -6.57
N LYS A 251 -8.25 11.93 -7.53
CA LYS A 251 -9.07 10.73 -7.57
C LYS A 251 -8.27 9.50 -7.99
N TYR A 252 -7.24 9.68 -8.82
CA TYR A 252 -6.44 8.57 -9.32
C TYR A 252 -5.04 8.49 -8.72
N ARG A 253 -4.40 9.63 -8.47
CA ARG A 253 -3.06 9.62 -7.91
C ARG A 253 -2.81 10.96 -7.22
N PRO A 254 -3.21 11.10 -5.95
CA PRO A 254 -3.11 12.41 -5.28
C PRO A 254 -1.69 12.80 -4.91
N VAL A 255 -0.89 13.16 -5.91
CA VAL A 255 0.46 13.70 -5.69
C VAL A 255 0.30 15.19 -5.39
N VAL A 256 0.26 15.54 -4.10
CA VAL A 256 0.01 16.92 -3.70
C VAL A 256 0.99 17.33 -2.61
N PHE A 257 2.25 16.89 -2.73
CA PHE A 257 3.23 17.17 -1.68
C PHE A 257 3.50 18.67 -1.56
N GLU A 258 3.29 19.44 -2.63
CA GLU A 258 3.49 20.88 -2.56
C GLU A 258 2.43 21.58 -1.73
N LEU A 259 1.28 20.93 -1.50
CA LEU A 259 0.24 21.51 -0.66
C LEU A 259 0.46 21.24 0.82
N ALA A 261 2.85 20.29 4.43
CA ALA A 261 4.14 20.51 5.06
C ALA A 261 5.08 19.35 4.73
N ASP A 262 6.34 19.47 5.18
CA ASP A 262 7.31 18.41 4.93
C ASP A 262 6.86 17.08 5.52
N SER A 263 6.15 17.13 6.65
CA SER A 263 5.55 15.93 7.24
C SER A 263 4.13 16.26 7.68
N PHE A 264 3.28 15.23 7.69
CA PHE A 264 1.87 15.43 7.92
C PHE A 264 1.26 14.12 8.40
N THR A 265 0.10 14.23 9.05
CA THR A 265 -0.66 13.05 9.44
C THR A 265 -1.61 12.64 8.34
N LEU A 266 -2.04 11.38 8.38
CA LEU A 266 -2.99 10.90 7.38
C LEU A 266 -4.31 11.65 7.47
N LEU A 267 -4.70 12.09 8.67
CA LEU A 267 -5.91 12.88 8.81
C LEU A 267 -5.74 14.26 8.14
N GLN A 268 -4.57 14.87 8.29
CA GLN A 268 -4.30 16.12 7.60
C GLN A 268 -4.37 15.93 6.09
N LEU A 269 -3.80 14.84 5.58
CA LEU A 269 -3.86 14.58 4.15
C LEU A 269 -5.29 14.32 3.71
N GLN A 270 -6.08 13.61 4.52
CA GLN A 270 -7.47 13.37 4.16
C GLN A 270 -8.27 14.65 4.10
N ARG A 271 -8.09 15.54 5.09
CA ARG A 271 -8.83 16.80 5.10
C ARG A 271 -8.42 17.67 3.92
N ALA A 272 -7.15 17.62 3.52
CA ALA A 272 -6.69 18.40 2.39
C ALA A 272 -7.34 17.92 1.09
N ILE A 273 -7.40 16.60 0.90
CA ILE A 273 -8.04 16.06 -0.30
C ILE A 273 -9.52 16.36 -0.31
N GLU A 274 -10.17 16.27 0.87
CA GLU A 274 -11.60 16.56 0.96
C GLU A 274 -11.88 18.01 0.59
N ALA A 275 -11.01 18.93 1.00
CA ALA A 275 -11.18 20.33 0.65
C ALA A 275 -11.11 20.53 -0.87
N LEU A 276 -10.16 19.84 -1.52
CA LEU A 276 -10.04 19.96 -2.96
C LEU A 276 -11.23 19.33 -3.69
N ALA A 277 -11.65 18.14 -3.25
CA ALA A 277 -12.76 17.46 -3.90
C ALA A 277 -14.10 18.12 -3.61
N GLY A 278 -14.20 18.89 -2.53
CA GLY A 278 -15.50 19.38 -2.11
C GLY A 278 -16.43 18.30 -1.61
N LEU A 279 -15.87 17.16 -1.19
CA LEU A 279 -16.65 16.03 -0.71
C LEU A 279 -15.88 15.38 0.44
N THR A 280 -16.63 14.68 1.29
CA THR A 280 -15.99 13.89 2.34
C THR A 280 -15.49 12.56 1.77
N LEU A 281 -14.33 12.14 2.23
CA LEU A 281 -13.71 10.92 1.75
C LEU A 281 -14.21 9.71 2.54
N HIS A 282 -14.26 8.57 1.86
CA HIS A 282 -14.34 7.29 2.55
C HIS A 282 -12.96 6.99 3.14
N LYS A 283 -12.88 6.93 4.46
CA LYS A 283 -11.60 6.80 5.14
C LYS A 283 -10.80 5.60 4.62
N GLN A 284 -11.47 4.45 4.47
CA GLN A 284 -10.75 3.22 4.14
C GLN A 284 -10.24 3.24 2.71
N ASN A 285 -11.11 3.56 1.75
CA ASN A 285 -10.70 3.56 0.34
C ASN A 285 -9.63 4.61 0.07
N PHE A 286 -9.67 5.73 0.77
CA PHE A 286 -8.60 6.72 0.63
C PHE A 286 -7.26 6.14 1.07
N ARG A 287 -7.22 5.53 2.26
CA ARG A 287 -5.97 4.98 2.77
C ARG A 287 -5.47 3.82 1.92
N ARG A 288 -6.38 3.07 1.28
CA ARG A 288 -5.94 2.00 0.39
C ARG A 288 -5.37 2.56 -0.91
N LEU A 289 -5.98 3.62 -1.44
CA LEU A 289 -5.44 4.28 -2.63
C LEU A 289 -4.02 4.77 -2.37
N ILE A 290 -3.81 5.48 -1.24
CA ILE A 290 -2.50 6.01 -0.91
C ILE A 290 -1.48 4.89 -0.81
N GLU A 291 -1.87 3.77 -0.19
CA GLU A 291 -0.93 2.65 -0.04
C GLU A 291 -0.71 1.92 -1.36
N GLN A 292 -1.77 1.72 -2.14
CA GLN A 292 -1.62 1.04 -3.43
C GLN A 292 -0.72 1.83 -4.37
N GLN A 293 -0.81 3.16 -4.33
CA GLN A 293 -0.01 4.02 -5.18
C GLN A 293 1.40 4.24 -4.65
N GLN A 294 1.72 3.74 -3.45
CA GLN A 294 3.04 3.89 -2.83
C GLN A 294 3.48 5.35 -2.82
N LEU A 295 2.61 6.21 -2.31
CA LEU A 295 2.83 7.66 -2.38
C LEU A 295 3.57 8.22 -1.17
N VAL A 296 3.30 7.68 0.03
CA VAL A 296 3.80 8.26 1.26
C VAL A 296 4.54 7.19 2.07
N GLU A 297 5.24 7.66 3.11
CA GLU A 297 5.96 6.77 4.02
C GLU A 297 6.02 7.44 5.38
N GLU A 298 6.14 6.62 6.42
CA GLU A 298 6.29 7.14 7.77
C GLU A 298 7.67 7.77 7.94
N THR A 299 7.71 8.88 8.69
CA THR A 299 8.97 9.55 8.96
C THR A 299 9.65 9.05 10.24
N GLY A 300 8.90 8.38 11.11
CA GLY A 300 9.39 7.93 12.39
C GLY A 300 9.04 8.83 13.56
N ASP A 301 8.40 9.98 13.29
CA ASP A 301 8.05 10.93 14.32
C ASP A 301 6.55 10.91 14.58
N ALA A 303 2.98 13.02 16.02
CA ALA A 303 2.33 14.31 16.19
C ALA A 303 1.20 14.18 17.20
N THR A 304 0.75 15.32 17.72
CA THR A 304 -0.32 15.34 18.70
C THR A 304 -1.53 16.12 18.18
N ARG A 309 -4.76 12.86 20.96
CA ARG A 309 -4.51 11.61 20.25
C ARG A 309 -3.24 11.69 19.42
N PRO A 310 -2.26 10.84 19.74
CA PRO A 310 -1.03 10.81 18.95
C PRO A 310 -1.26 10.14 17.60
N ALA A 311 -0.53 10.62 16.60
CA ALA A 311 -0.67 10.13 15.23
C ALA A 311 0.70 10.17 14.56
N LYS A 312 0.99 9.16 13.75
CA LYS A 312 2.26 9.11 13.06
C LYS A 312 2.31 10.16 11.95
N LEU A 313 3.52 10.64 11.68
CA LEU A 313 3.75 11.63 10.65
C LEU A 313 4.20 10.93 9.37
N PHE A 314 3.71 11.42 8.24
CA PHE A 314 4.02 10.86 6.94
C PHE A 314 4.60 11.94 6.04
N ARG A 315 5.37 11.48 5.04
CA ARG A 315 5.89 12.35 3.99
C ARG A 315 5.71 11.64 2.66
N PHE A 316 5.62 12.42 1.59
CA PHE A 316 5.62 11.83 0.26
C PHE A 316 7.01 11.29 -0.05
N ARG A 317 7.06 10.16 -0.74
CA ARG A 317 8.32 9.48 -0.98
C ARG A 317 9.20 10.29 -1.93
N GLN A 318 10.51 10.08 -1.80
CA GLN A 318 11.46 10.79 -2.65
C GLN A 318 11.25 10.46 -4.12
N THR A 319 10.89 9.22 -4.42
CA THR A 319 10.62 8.83 -5.80
C THR A 319 9.44 9.61 -6.37
N VAL A 320 8.44 9.89 -5.54
CA VAL A 320 7.31 10.71 -6.00
C VAL A 320 7.77 12.12 -6.33
N LEU A 321 8.66 12.68 -5.50
CA LEU A 321 9.20 14.01 -5.79
C LEU A 321 10.13 13.98 -6.99
N ASP A 322 10.90 12.90 -7.14
CA ASP A 322 11.80 12.79 -8.28
C ASP A 322 11.03 12.68 -9.59
N GLU A 323 9.99 11.85 -9.62
CA GLU A 323 9.22 11.68 -10.84
C GLU A 323 8.52 12.97 -11.26
N ARG A 324 8.07 13.77 -10.29
CA ARG A 324 7.45 15.05 -10.63
C ARG A 324 8.47 16.04 -11.17
N ALA A 325 9.69 16.01 -10.65
CA ALA A 325 10.71 16.95 -11.09
C ALA A 325 11.16 16.68 -12.52
N LEU A 326 11.04 15.44 -12.97
CA LEU A 326 11.52 15.05 -14.29
C LEU A 326 10.42 15.02 -15.34
N SER A 327 9.18 15.37 -14.98
CA SER A 327 8.08 15.39 -15.92
C SER A 327 8.03 16.73 -16.66
N VAL B 37 -1.95 51.64 -26.04
CA VAL B 37 -1.70 50.27 -25.59
C VAL B 37 -1.04 49.46 -26.70
N THR B 38 -0.02 48.68 -26.34
CA THR B 38 0.74 47.88 -27.29
C THR B 38 0.48 46.40 -27.02
N ILE B 39 -0.08 45.70 -28.00
CA ILE B 39 -0.46 44.30 -27.88
C ILE B 39 0.48 43.46 -28.72
N GLY B 40 1.11 42.45 -28.12
CA GLY B 40 1.97 41.56 -28.87
C GLY B 40 1.18 40.46 -29.55
N LEU B 41 1.64 40.09 -30.75
CA LEU B 41 0.97 39.08 -31.57
C LEU B 41 1.95 37.98 -31.93
N ALA B 42 1.42 36.76 -32.06
CA ALA B 42 2.18 35.60 -32.48
C ALA B 42 1.36 34.82 -33.50
N HIS B 43 2.05 33.98 -34.26
CA HIS B 43 1.36 33.03 -35.13
C HIS B 43 0.67 31.97 -34.28
N ALA B 44 -0.59 31.67 -34.61
CA ALA B 44 -1.38 30.68 -33.89
C ALA B 44 -1.70 29.54 -34.85
N GLU B 45 -1.14 28.37 -34.60
CA GLU B 45 -1.33 27.19 -35.43
C GLU B 45 -2.15 26.14 -34.69
N LEU B 46 -3.05 25.49 -35.41
CA LEU B 46 -3.82 24.36 -34.91
C LEU B 46 -3.30 23.09 -35.57
N ILE B 47 -3.00 22.07 -34.76
CA ILE B 47 -2.37 20.85 -35.24
C ILE B 47 -3.20 19.66 -34.78
N ALA B 48 -3.47 18.74 -35.71
CA ALA B 48 -4.33 17.60 -35.43
C ALA B 48 -3.50 16.32 -35.26
N VAL B 49 -3.87 15.53 -34.25
CA VAL B 49 -3.34 14.18 -34.07
C VAL B 49 -4.54 13.25 -34.10
N VAL B 50 -4.86 12.74 -35.28
CA VAL B 50 -6.01 11.86 -35.49
C VAL B 50 -5.49 10.45 -35.69
N THR B 51 -5.92 9.54 -34.83
CA THR B 51 -5.38 8.18 -34.77
C THR B 51 -6.46 7.16 -35.11
N ALA B 52 -6.10 6.20 -35.96
CA ALA B 52 -6.91 5.03 -36.23
C ALA B 52 -6.07 3.78 -36.04
N ILE B 53 -6.74 2.68 -35.73
CA ILE B 53 -6.10 1.38 -35.56
C ILE B 53 -6.53 0.48 -36.70
N THR B 54 -5.58 0.06 -37.53
CA THR B 54 -5.81 -0.90 -38.60
C THR B 54 -4.72 -1.95 -38.57
N THR B 55 -5.11 -3.22 -38.75
CA THR B 55 -4.19 -4.35 -38.73
C THR B 55 -3.34 -4.36 -37.46
N ASP B 56 -3.98 -4.00 -36.35
CA ASP B 56 -3.32 -3.94 -35.04
C ASP B 56 -2.06 -3.07 -35.09
N GLU B 57 -2.16 -1.94 -35.77
CA GLU B 57 -1.06 -0.98 -35.82
C GLU B 57 -1.63 0.42 -35.64
N PRO B 58 -1.17 1.18 -34.65
CA PRO B 58 -1.67 2.54 -34.46
C PRO B 58 -1.09 3.48 -35.52
N ARG B 59 -1.98 4.16 -36.24
CA ARG B 59 -1.57 5.02 -37.34
C ARG B 59 -2.13 6.41 -37.14
N VAL B 60 -1.37 7.40 -37.59
CA VAL B 60 -1.73 8.81 -37.43
C VAL B 60 -2.01 9.41 -38.80
N THR B 62 -1.68 11.92 -41.57
CA THR B 62 -0.59 12.80 -41.98
C THR B 62 -0.95 13.48 -43.29
N VAL B 63 -0.19 14.54 -43.62
CA VAL B 63 -0.27 15.20 -44.90
C VAL B 63 1.14 15.33 -45.47
N ARG B 64 1.21 15.68 -46.75
CA ARG B 64 2.48 15.91 -47.45
C ARG B 64 3.38 14.68 -47.39
N GLU B 65 2.83 13.54 -47.80
CA GLU B 65 3.56 12.27 -47.90
C GLU B 65 4.13 11.84 -46.55
N GLY B 66 3.36 12.08 -45.48
CA GLY B 66 3.73 11.63 -44.16
C GLY B 66 4.76 12.48 -43.44
N ALA B 67 5.08 13.66 -43.97
CA ALA B 67 6.07 14.53 -43.35
C ALA B 67 5.49 15.45 -42.29
N ALA B 68 4.16 15.56 -42.19
CA ALA B 68 3.57 16.52 -41.27
C ALA B 68 2.18 16.04 -40.88
N LEU B 69 1.68 16.62 -39.80
CA LEU B 69 0.30 16.44 -39.37
C LEU B 69 -0.58 17.49 -40.03
N PRO B 70 -1.89 17.24 -40.12
CA PRO B 70 -2.79 18.29 -40.63
C PRO B 70 -2.75 19.50 -39.73
N SER B 71 -2.54 20.68 -40.33
CA SER B 71 -2.37 21.88 -39.54
C SER B 71 -2.84 23.09 -40.33
N GLY B 72 -3.12 24.17 -39.60
CA GLY B 72 -3.56 25.41 -40.18
C GLY B 72 -3.67 26.52 -39.15
N PRO B 73 -3.64 27.76 -39.61
CA PRO B 73 -3.72 28.90 -38.67
C PRO B 73 -5.12 29.06 -38.09
N PHE B 74 -5.16 29.70 -36.93
CA PHE B 74 -6.41 30.08 -36.28
C PHE B 74 -6.83 31.44 -36.83
N GLU B 75 -7.91 31.47 -37.61
CA GLU B 75 -8.33 32.65 -38.34
C GLU B 75 -9.50 33.34 -37.66
N PHE B 76 -9.85 34.52 -38.18
CA PHE B 76 -10.96 35.29 -37.63
C PHE B 76 -12.30 34.57 -37.82
N GLY B 77 -12.53 34.00 -39.01
CA GLY B 77 -13.80 33.35 -39.28
C GLY B 77 -14.06 32.10 -38.46
N HIS B 78 -13.03 31.52 -37.86
CA HIS B 78 -13.19 30.32 -37.06
C HIS B 78 -13.94 30.64 -35.77
N ARG B 79 -15.07 29.97 -35.56
CA ARG B 79 -15.86 30.21 -34.36
C ARG B 79 -15.09 29.78 -33.12
N THR B 80 -14.48 28.60 -33.15
CA THR B 80 -13.71 28.05 -32.04
C THR B 80 -12.40 27.48 -32.58
N LEU B 81 -11.51 27.13 -31.65
CA LEU B 81 -10.26 26.47 -32.02
C LEU B 81 -10.53 25.11 -32.66
N GLN B 82 -11.49 24.36 -32.12
CA GLN B 82 -11.81 23.04 -32.65
C GLN B 82 -12.43 23.15 -34.05
N SER B 83 -13.38 24.08 -34.23
CA SER B 83 -14.01 24.23 -35.53
C SER B 83 -13.01 24.71 -36.59
N GLY B 84 -12.05 25.54 -36.19
CA GLY B 84 -11.01 25.94 -37.12
C GLY B 84 -10.15 24.77 -37.56
N LEU B 85 -9.79 23.90 -36.62
CA LEU B 85 -8.98 22.74 -36.97
C LEU B 85 -9.77 21.74 -37.80
N ARG B 86 -11.08 21.60 -37.56
CA ARG B 86 -11.89 20.69 -38.36
C ARG B 86 -11.91 21.14 -39.82
N GLU B 87 -11.93 22.45 -40.06
CA GLU B 87 -11.90 22.96 -41.43
C GLU B 87 -10.61 22.59 -42.12
N TRP B 88 -9.47 22.67 -41.41
CA TRP B 88 -8.20 22.31 -42.02
C TRP B 88 -8.09 20.80 -42.26
N ILE B 89 -8.64 19.99 -41.34
CA ILE B 89 -8.62 18.55 -41.53
C ILE B 89 -9.41 18.16 -42.78
N HIS B 90 -10.64 18.64 -42.88
CA HIS B 90 -11.45 18.36 -44.06
C HIS B 90 -10.82 18.89 -45.34
N GLU B 91 -10.24 20.09 -45.28
CA GLU B 91 -9.65 20.68 -46.47
C GLU B 91 -8.42 19.90 -46.92
N GLN B 92 -7.63 19.39 -45.98
CA GLN B 92 -6.36 18.74 -46.31
C GLN B 92 -6.46 17.23 -46.44
N THR B 93 -7.45 16.60 -45.80
CA THR B 93 -7.59 15.15 -45.88
C THR B 93 -8.95 14.68 -46.39
N HIS B 94 -9.99 15.49 -46.26
CA HIS B 94 -11.35 15.09 -46.63
C HIS B 94 -11.78 13.80 -45.95
N HIS B 95 -11.25 13.57 -44.75
CA HIS B 95 -11.60 12.39 -43.97
C HIS B 95 -12.40 12.83 -42.75
N PRO B 96 -13.53 12.19 -42.47
CA PRO B 96 -14.36 12.62 -41.34
C PRO B 96 -13.66 12.36 -40.01
N VAL B 97 -13.94 13.26 -39.06
CA VAL B 97 -13.36 13.20 -37.72
C VAL B 97 -14.48 13.28 -36.70
N GLY B 98 -14.47 12.38 -35.73
CA GLY B 98 -15.45 12.41 -34.67
C GLY B 98 -15.13 13.43 -33.61
N TYR B 99 -15.07 13.00 -32.35
CA TYR B 99 -14.78 13.90 -31.25
C TYR B 99 -13.33 14.35 -31.28
N LEU B 100 -13.08 15.52 -30.73
CA LEU B 100 -11.75 16.10 -30.60
C LEU B 100 -11.56 16.58 -29.18
N GLU B 101 -10.37 16.36 -28.62
CA GLU B 101 -10.03 16.87 -27.31
C GLU B 101 -8.71 17.61 -27.40
N GLN B 102 -8.64 18.75 -26.71
CA GLN B 102 -7.45 19.58 -26.75
C GLN B 102 -6.29 18.86 -26.08
N LEU B 103 -5.12 18.93 -26.71
CA LEU B 103 -3.93 18.24 -26.23
C LEU B 103 -3.08 19.15 -25.37
N TYR B 104 -2.31 20.02 -26.00
CA TYR B 104 -1.33 20.84 -25.31
C TYR B 104 -1.01 22.04 -26.19
N THR B 105 -0.59 23.12 -25.55
CA THR B 105 -0.22 24.34 -26.25
C THR B 105 1.28 24.58 -26.08
N PHE B 106 1.99 24.73 -27.19
CA PHE B 106 3.43 24.88 -27.21
C PHE B 106 3.83 26.21 -27.83
N ALA B 107 4.80 26.87 -27.24
CA ALA B 107 5.52 27.95 -27.90
C ALA B 107 6.66 27.36 -28.72
N ASP B 108 7.08 28.10 -29.74
CA ASP B 108 8.13 27.58 -30.61
C ASP B 108 9.48 27.59 -29.90
N ARG B 109 10.38 26.73 -30.37
CA ARG B 109 11.72 26.64 -29.80
C ARG B 109 12.77 27.14 -30.78
N GLY B 118 8.66 36.79 -35.32
CA GLY B 118 7.48 36.49 -34.52
C GLY B 118 7.48 35.08 -33.95
N ARG B 119 6.82 34.91 -32.81
CA ARG B 119 6.72 33.62 -32.18
C ARG B 119 5.56 32.82 -32.79
N THR B 120 5.59 31.51 -32.56
CA THR B 120 4.53 30.62 -33.02
C THR B 120 3.97 29.86 -31.82
N ILE B 121 2.65 29.83 -31.71
CA ILE B 121 1.95 29.13 -30.64
C ILE B 121 1.16 28.00 -31.28
N SER B 122 1.52 26.76 -30.93
CA SER B 122 0.93 25.58 -31.52
C SER B 122 -0.04 24.95 -30.54
N ILE B 123 -1.28 24.72 -30.99
CA ILE B 123 -2.33 24.11 -30.19
C ILE B 123 -2.71 22.80 -30.85
N GLY B 124 -2.43 21.69 -30.17
CA GLY B 124 -2.71 20.36 -30.70
C GLY B 124 -4.04 19.82 -30.20
N TYR B 125 -4.67 18.99 -31.03
CA TYR B 125 -5.90 18.30 -30.67
C TYR B 125 -5.77 16.83 -31.02
N LEU B 126 -6.38 15.99 -30.19
CA LEU B 126 -6.39 14.55 -30.40
C LEU B 126 -7.76 14.10 -30.89
N GLY B 127 -7.76 13.21 -31.87
CA GLY B 127 -8.99 12.63 -32.37
C GLY B 127 -8.86 11.14 -32.61
N LEU B 128 -9.93 10.39 -32.33
CA LEU B 128 -10.00 8.96 -32.59
C LEU B 128 -11.09 8.72 -33.63
N VAL B 129 -10.72 8.07 -34.74
CA VAL B 129 -11.64 7.80 -35.83
C VAL B 129 -11.50 6.35 -36.27
N ARG B 130 -12.50 5.90 -37.02
CA ARG B 130 -12.41 4.66 -37.78
C ARG B 130 -11.89 4.98 -39.16
N GLU B 131 -10.87 4.25 -39.61
CA GLU B 131 -10.27 4.53 -40.92
C GLU B 131 -11.23 4.29 -42.07
N ALA B 140 -4.81 10.94 -44.48
CA ALA B 140 -3.91 9.89 -44.96
C ALA B 140 -3.40 9.05 -43.80
N PHE B 141 -3.77 7.76 -43.79
CA PHE B 141 -3.46 6.86 -42.69
C PHE B 141 -2.43 5.79 -43.08
N TRP B 142 -1.51 6.12 -43.97
CA TRP B 142 -0.52 5.14 -44.41
C TRP B 142 0.68 5.05 -43.47
N HIS B 143 0.75 5.88 -42.43
CA HIS B 143 1.92 5.95 -41.57
C HIS B 143 1.53 5.70 -40.13
N GLY B 144 2.22 4.74 -39.50
CA GLY B 144 1.94 4.40 -38.12
C GLY B 144 2.69 5.27 -37.13
N TRP B 145 2.25 5.19 -35.88
CA TRP B 145 2.96 5.87 -34.79
C TRP B 145 4.44 5.56 -34.81
N TYR B 146 4.78 4.28 -34.99
CA TYR B 146 6.12 3.79 -34.71
C TYR B 146 7.06 3.97 -35.90
N GLU B 147 6.56 4.41 -37.06
CA GLU B 147 7.47 4.93 -38.07
C GLU B 147 8.20 6.16 -37.57
N TYR B 148 7.52 6.98 -36.76
CA TYR B 148 8.13 8.18 -36.17
C TYR B 148 8.70 7.91 -34.79
N PHE B 149 8.12 6.98 -34.04
CA PHE B 149 8.56 6.63 -32.69
C PHE B 149 8.76 5.12 -32.60
N PRO B 150 9.80 4.60 -33.26
CA PRO B 150 10.02 3.14 -33.21
C PRO B 150 10.38 2.63 -31.82
N TRP B 151 11.04 3.44 -31.00
CA TRP B 151 11.42 3.01 -29.66
C TRP B 151 10.24 2.92 -28.71
N GLU B 152 9.04 3.29 -29.12
CA GLU B 152 7.86 3.26 -28.26
C GLU B 152 7.03 1.99 -28.41
N ASP B 153 7.41 1.09 -29.32
CA ASP B 153 6.68 -0.17 -29.52
C ASP B 153 7.49 -1.30 -28.90
N HIS B 154 7.00 -1.82 -27.77
CA HIS B 154 7.70 -2.87 -27.02
C HIS B 154 6.92 -4.17 -26.95
N ARG B 155 5.84 -4.33 -27.72
CA ARG B 155 5.03 -5.54 -27.61
C ARG B 155 5.77 -6.76 -28.12
N GLN B 156 6.75 -6.59 -29.01
CA GLN B 156 7.67 -7.66 -29.39
C GLN B 156 8.87 -7.75 -28.44
N GLY B 157 8.76 -7.17 -27.24
CA GLY B 157 9.90 -7.01 -26.38
C GLY B 157 10.61 -5.70 -26.64
N ARG B 158 11.70 -5.51 -25.91
CA ARG B 158 12.48 -4.28 -26.03
C ARG B 158 13.03 -4.13 -27.44
N PRO B 159 12.69 -3.07 -28.16
CA PRO B 159 13.16 -2.93 -29.54
C PRO B 159 14.67 -2.70 -29.61
N ASP B 160 15.28 -3.20 -30.68
CA ASP B 160 16.73 -3.14 -30.79
C ASP B 160 17.25 -1.71 -30.94
N ILE B 161 16.43 -0.80 -31.46
CA ILE B 161 16.87 0.59 -31.64
C ILE B 161 17.20 1.24 -30.30
N LEU B 162 16.66 0.72 -29.19
CA LEU B 162 16.95 1.30 -27.88
C LEU B 162 18.42 1.15 -27.50
N ASP B 163 19.08 0.10 -27.98
CA ASP B 163 20.50 -0.08 -27.68
C ASP B 163 21.32 1.09 -28.22
N SER B 164 21.08 1.47 -29.47
CA SER B 164 21.78 2.62 -30.04
C SER B 164 21.38 3.91 -29.33
N ILE B 165 20.11 4.03 -28.95
CA ILE B 165 19.65 5.22 -28.23
C ILE B 165 20.30 5.30 -26.85
N ILE B 166 20.34 4.18 -26.14
CA ILE B 166 20.96 4.15 -24.81
C ILE B 166 22.43 4.53 -24.90
N ASP B 167 23.13 4.03 -25.92
CA ASP B 167 24.55 4.33 -26.08
C ASP B 167 24.77 5.83 -26.27
N LYS B 168 23.99 6.46 -27.16
CA LYS B 168 24.16 7.88 -27.41
C LYS B 168 23.74 8.71 -26.21
N LEU B 169 22.70 8.27 -25.48
CA LEU B 169 22.27 8.99 -24.30
C LEU B 169 23.30 8.92 -23.18
N ARG B 170 24.01 7.79 -23.07
CA ARG B 170 25.04 7.69 -22.03
C ARG B 170 26.21 8.62 -22.32
N ALA B 171 26.63 8.72 -23.58
CA ALA B 171 27.70 9.64 -23.94
C ALA B 171 27.30 11.08 -23.67
N TRP B 172 26.05 11.43 -23.98
CA TRP B 172 25.56 12.78 -23.68
C TRP B 172 25.49 13.01 -22.18
N ALA B 173 25.08 11.99 -21.42
CA ALA B 173 25.02 12.11 -19.97
C ALA B 173 26.40 12.16 -19.34
N ASP B 174 27.41 11.61 -19.99
CA ASP B 174 28.78 11.62 -19.49
C ASP B 174 29.62 12.75 -20.06
N SER B 175 29.02 13.63 -20.86
CA SER B 175 29.78 14.68 -21.54
C SER B 175 30.20 15.79 -20.59
N GLU B 176 29.35 16.14 -19.61
CA GLU B 176 29.66 17.17 -18.63
C GLU B 176 29.56 16.57 -17.23
N PRO B 177 30.64 16.56 -16.46
CA PRO B 177 30.62 15.79 -15.19
C PRO B 177 29.74 16.40 -14.12
N ASP B 178 29.49 17.71 -14.13
CA ASP B 178 28.68 18.31 -13.08
C ASP B 178 27.20 18.01 -13.26
N SER B 179 26.75 17.70 -14.47
CA SER B 179 25.36 17.37 -14.73
C SER B 179 25.15 15.88 -15.01
N ARG B 180 26.19 15.07 -14.83
CA ARG B 180 26.10 13.65 -15.18
C ARG B 180 25.09 12.92 -14.29
N ALA B 181 25.02 13.29 -13.01
CA ALA B 181 24.11 12.59 -12.11
C ALA B 181 22.65 12.85 -12.48
N GLN B 182 22.30 14.12 -12.69
CA GLN B 182 20.92 14.44 -13.09
C GLN B 182 20.60 13.88 -14.46
N ARG B 183 21.55 13.97 -15.40
CA ARG B 183 21.30 13.45 -16.75
C ARG B 183 21.08 11.95 -16.73
N HIS B 184 21.83 11.23 -15.90
CA HIS B 184 21.58 9.80 -15.75
C HIS B 184 20.23 9.53 -15.12
N LEU B 185 19.82 10.36 -14.16
CA LEU B 185 18.52 10.20 -13.54
C LEU B 185 17.40 10.47 -14.54
N ARG B 186 17.55 11.50 -15.38
CA ARG B 186 16.55 11.76 -16.41
C ARG B 186 16.49 10.64 -17.43
N ALA B 187 17.65 10.15 -17.88
CA ALA B 187 17.66 9.12 -18.91
C ALA B 187 17.20 7.78 -18.37
N ASP B 188 17.39 7.52 -17.07
CA ASP B 188 16.90 6.29 -16.48
C ASP B 188 15.40 6.35 -16.24
N PHE B 189 14.90 7.52 -15.87
CA PHE B 189 13.46 7.68 -15.65
C PHE B 189 12.69 7.61 -16.96
N THR B 190 13.26 8.14 -18.03
CA THR B 190 12.60 8.15 -19.33
C THR B 190 12.91 6.90 -20.15
N PHE B 191 14.19 6.54 -20.26
CA PHE B 191 14.61 5.43 -21.11
C PHE B 191 15.16 4.23 -20.36
N GLY B 192 15.46 4.36 -19.08
CA GLY B 192 16.06 3.26 -18.35
C GLY B 192 17.53 3.09 -18.66
N LEU B 193 18.29 4.19 -18.59
CA LEU B 193 19.72 4.12 -18.87
C LEU B 193 20.47 3.36 -17.79
N ASP B 194 20.06 3.52 -16.53
CA ASP B 194 20.70 2.84 -15.40
C ASP B 194 19.92 1.62 -14.94
N GLY B 195 19.14 1.01 -15.83
CA GLY B 195 18.38 -0.18 -15.49
C GLY B 195 16.98 0.06 -14.99
N GLY B 196 16.45 1.28 -15.13
CA GLY B 196 15.10 1.55 -14.69
C GLY B 196 14.06 0.87 -15.56
N GLY B 197 12.84 0.80 -15.02
CA GLY B 197 11.75 0.17 -15.74
C GLY B 197 11.16 1.09 -16.80
N TRP B 198 10.38 0.47 -17.70
CA TRP B 198 9.80 1.19 -18.82
C TRP B 198 8.41 1.70 -18.44
N ASN B 199 8.16 2.98 -18.72
CA ASN B 199 6.87 3.62 -18.50
C ASN B 199 6.37 4.11 -19.85
N GLU B 200 5.29 3.50 -20.34
CA GLU B 200 4.80 3.81 -21.69
C GLU B 200 4.20 5.20 -21.79
N GLU B 201 3.88 5.84 -20.67
CA GLU B 201 3.23 7.15 -20.69
C GLU B 201 4.21 8.29 -20.93
N LEU B 202 5.51 8.07 -20.78
CA LEU B 202 6.51 9.13 -20.87
C LEU B 202 6.98 9.38 -22.30
N THR B 203 6.09 9.24 -23.29
CA THR B 203 6.50 9.42 -24.68
C THR B 203 6.98 10.85 -24.94
N LEU B 204 6.31 11.83 -24.35
CA LEU B 204 6.74 13.22 -24.55
C LEU B 204 8.06 13.49 -23.84
N GLN B 205 8.19 13.03 -22.59
CA GLN B 205 9.44 13.24 -21.85
C GLN B 205 10.62 12.56 -22.53
N ARG B 206 10.39 11.40 -23.17
CA ARG B 206 11.47 10.75 -23.90
C ARG B 206 11.87 11.54 -25.14
N TYR B 207 10.89 12.11 -25.85
CA TYR B 207 11.22 12.82 -27.08
C TYR B 207 11.98 14.11 -26.79
N GLU B 208 11.53 14.86 -25.78
CA GLU B 208 12.20 16.12 -25.45
C GLU B 208 13.59 15.90 -24.85
N LEU B 209 13.84 14.72 -24.29
CA LEU B 209 15.20 14.39 -23.88
C LEU B 209 16.08 14.14 -25.10
N LEU B 210 15.56 13.40 -26.09
CA LEU B 210 16.30 13.22 -27.33
C LEU B 210 16.54 14.55 -28.03
N TYR B 211 15.52 15.42 -28.05
CA TYR B 211 15.67 16.75 -28.62
C TYR B 211 16.76 17.53 -27.88
N GLU B 212 16.74 17.49 -26.55
CA GLU B 212 17.71 18.22 -25.76
C GLU B 212 19.12 17.66 -25.96
N ALA B 213 19.24 16.35 -26.18
CA ALA B 213 20.53 15.72 -26.41
C ALA B 213 20.96 15.76 -27.87
N GLY B 214 20.16 16.35 -28.75
CA GLY B 214 20.50 16.39 -30.16
C GLY B 214 20.42 15.06 -30.88
N LEU B 215 19.54 14.17 -30.42
CA LEU B 215 19.42 12.83 -30.99
C LEU B 215 18.26 12.68 -31.97
N VAL B 216 17.54 13.76 -32.26
CA VAL B 216 16.53 13.77 -33.31
C VAL B 216 16.82 14.92 -34.26
N GLY B 217 16.42 14.74 -35.52
CA GLY B 217 16.77 15.72 -36.54
C GLY B 217 16.20 17.11 -36.29
N GLU B 218 15.04 17.19 -35.64
CA GLU B 218 14.43 18.49 -35.38
C GLU B 218 15.29 19.38 -34.50
N ALA B 219 16.17 18.80 -33.70
CA ALA B 219 17.07 19.57 -32.85
C ALA B 219 18.14 20.26 -33.67
N ILE B 225 22.65 13.20 -35.85
CA ILE B 225 22.04 12.00 -35.27
C ILE B 225 20.52 12.12 -35.24
N ASN B 226 19.84 11.08 -35.70
CA ASN B 226 18.38 11.07 -35.70
C ASN B 226 17.87 9.64 -35.59
N PHE B 227 16.84 9.47 -34.76
CA PHE B 227 16.12 8.21 -34.66
C PHE B 227 14.66 8.45 -35.02
N GLY B 228 14.06 7.49 -35.72
CA GLY B 228 12.70 7.63 -36.18
C GLY B 228 12.61 8.60 -37.34
N ARG B 229 11.46 8.58 -38.00
CA ARG B 229 11.25 9.50 -39.13
C ARG B 229 10.97 10.90 -38.62
N PRO B 230 11.67 11.91 -39.12
CA PRO B 230 11.40 13.29 -38.69
C PRO B 230 10.11 13.82 -39.28
N PHE B 232 8.02 17.81 -40.13
CA PHE B 232 8.22 19.24 -40.26
C PHE B 232 7.93 19.94 -38.94
N ALA B 233 8.64 21.05 -38.70
CA ALA B 233 8.53 21.82 -37.47
C ALA B 233 8.69 20.92 -36.25
N ASP B 234 7.87 21.15 -35.23
CA ASP B 234 7.87 20.31 -34.03
C ASP B 234 6.63 19.42 -33.97
N HIS B 235 6.22 18.89 -35.12
CA HIS B 235 5.05 18.02 -35.15
C HIS B 235 5.30 16.69 -34.46
N ARG B 236 6.56 16.26 -34.36
CA ARG B 236 6.86 15.09 -33.54
C ARG B 236 6.58 15.36 -32.06
N ARG B 237 6.81 16.60 -31.61
CA ARG B 237 6.46 16.97 -30.25
C ARG B 237 4.96 16.86 -30.02
N ILE B 238 4.16 17.18 -31.04
CA ILE B 238 2.71 17.13 -30.90
C ILE B 238 2.22 15.69 -30.92
N LEU B 239 2.76 14.87 -31.83
CA LEU B 239 2.37 13.46 -31.88
C LEU B 239 2.76 12.75 -30.60
N ALA B 240 3.95 13.05 -30.07
CA ALA B 240 4.35 12.45 -28.79
C ALA B 240 3.36 12.81 -27.68
N THR B 241 2.89 14.05 -27.66
CA THR B 241 1.90 14.47 -26.68
C THR B 241 0.58 13.71 -26.87
N GLY B 242 0.18 13.49 -28.13
CA GLY B 242 -1.03 12.74 -28.38
C GLY B 242 -0.91 11.27 -28.01
N ILE B 243 0.25 10.67 -28.28
CA ILE B 243 0.49 9.28 -27.90
C ILE B 243 0.44 9.15 -26.38
N ALA B 244 1.04 10.09 -25.67
CA ALA B 244 1.05 10.04 -24.21
C ALA B 244 -0.35 10.23 -23.64
N ARG B 245 -1.15 11.10 -24.25
CA ARG B 245 -2.52 11.32 -23.78
C ARG B 245 -3.34 10.04 -23.90
N LEU B 246 -3.23 9.35 -25.04
CA LEU B 246 -4.00 8.13 -25.26
C LEU B 246 -3.57 7.02 -24.31
N ARG B 247 -2.25 6.88 -24.08
CA ARG B 247 -1.77 5.84 -23.20
C ARG B 247 -2.14 6.11 -21.75
N ALA B 248 -2.27 7.38 -21.37
CA ALA B 248 -2.79 7.69 -20.04
C ALA B 248 -4.28 7.40 -19.95
N LYS B 249 -5.01 7.56 -21.05
CA LYS B 249 -6.45 7.37 -21.03
C LYS B 249 -6.82 5.89 -20.93
N ILE B 250 -6.14 5.04 -21.70
CA ILE B 250 -6.47 3.62 -21.69
C ILE B 250 -6.02 2.93 -20.40
N LYS B 251 -5.06 3.53 -19.69
CA LYS B 251 -4.58 2.91 -18.45
C LYS B 251 -5.64 3.00 -17.35
N TYR B 252 -6.24 4.18 -17.18
CA TYR B 252 -7.22 4.38 -16.11
C TYR B 252 -8.63 3.99 -16.53
N ARG B 253 -9.12 4.53 -17.64
CA ARG B 253 -10.48 4.27 -18.10
C ARG B 253 -10.49 4.31 -19.63
N PRO B 254 -10.30 3.16 -20.27
CA PRO B 254 -10.19 3.14 -21.74
C PRO B 254 -11.50 3.43 -22.46
N VAL B 255 -11.70 4.68 -22.88
CA VAL B 255 -12.82 5.07 -23.73
C VAL B 255 -12.30 5.15 -25.16
N VAL B 256 -12.46 4.07 -25.92
CA VAL B 256 -11.89 3.98 -27.25
C VAL B 256 -12.93 3.47 -28.24
N PHE B 257 -14.20 3.78 -28.00
CA PHE B 257 -15.26 3.25 -28.86
C PHE B 257 -15.14 3.80 -30.28
N GLU B 258 -14.61 5.01 -30.43
CA GLU B 258 -14.40 5.57 -31.76
C GLU B 258 -13.37 4.79 -32.56
N LEU B 259 -12.45 4.10 -31.90
CA LEU B 259 -11.46 3.26 -32.57
C LEU B 259 -11.99 1.86 -32.87
N ALA B 261 -14.94 -1.28 -33.52
CA ALA B 261 -16.11 -1.52 -34.35
C ALA B 261 -17.37 -1.37 -33.53
N ASP B 262 -18.52 -1.46 -34.22
CA ASP B 262 -19.80 -1.49 -33.53
C ASP B 262 -19.86 -2.67 -32.57
N SER B 263 -19.34 -3.82 -33.00
CA SER B 263 -19.20 -5.00 -32.16
C SER B 263 -17.79 -5.54 -32.29
N PHE B 264 -17.31 -6.16 -31.22
CA PHE B 264 -15.96 -6.69 -31.20
C PHE B 264 -15.85 -7.71 -30.08
N THR B 265 -14.90 -8.64 -30.23
CA THR B 265 -14.64 -9.61 -29.19
C THR B 265 -13.69 -9.01 -28.14
N LEU B 266 -13.61 -9.70 -26.99
CA LEU B 266 -12.76 -9.21 -25.91
C LEU B 266 -11.28 -9.36 -26.22
N LEU B 267 -10.92 -10.23 -27.16
CA LEU B 267 -9.52 -10.33 -27.58
C LEU B 267 -9.16 -9.22 -28.55
N GLN B 268 -10.07 -8.87 -29.46
CA GLN B 268 -9.84 -7.73 -30.35
C GLN B 268 -9.65 -6.44 -29.56
N LEU B 269 -10.33 -6.32 -28.42
CA LEU B 269 -10.21 -5.11 -27.62
C LEU B 269 -8.81 -4.96 -27.02
N GLN B 270 -8.16 -6.07 -26.66
CA GLN B 270 -6.84 -5.99 -26.06
C GLN B 270 -5.77 -5.68 -27.10
N ARG B 271 -5.79 -6.38 -28.23
CA ARG B 271 -4.80 -6.13 -29.27
C ARG B 271 -4.84 -4.69 -29.76
N ALA B 272 -6.01 -4.04 -29.68
CA ALA B 272 -6.07 -2.61 -29.96
C ALA B 272 -5.42 -1.82 -28.84
N ILE B 273 -5.81 -2.09 -27.59
CA ILE B 273 -5.18 -1.43 -26.45
C ILE B 273 -3.69 -1.71 -26.41
N GLU B 274 -3.29 -2.94 -26.75
CA GLU B 274 -1.86 -3.28 -26.81
C GLU B 274 -1.15 -2.46 -27.87
N ALA B 275 -1.81 -2.21 -29.00
CA ALA B 275 -1.19 -1.41 -30.06
C ALA B 275 -0.98 0.03 -29.61
N LEU B 276 -1.95 0.59 -28.87
CA LEU B 276 -1.81 1.96 -28.37
C LEU B 276 -0.73 2.05 -27.31
N ALA B 277 -0.75 1.14 -26.32
CA ALA B 277 0.21 1.19 -25.23
C ALA B 277 1.63 0.82 -25.69
N GLY B 278 1.77 0.19 -26.85
CA GLY B 278 3.07 -0.31 -27.24
C GLY B 278 3.59 -1.44 -26.39
N LEU B 279 2.70 -2.16 -25.71
CA LEU B 279 3.07 -3.23 -24.79
C LEU B 279 2.04 -4.35 -24.89
N THR B 280 2.47 -5.57 -24.61
CA THR B 280 1.56 -6.68 -24.47
C THR B 280 1.10 -6.77 -23.02
N LEU B 281 -0.19 -7.03 -22.83
CA LEU B 281 -0.81 -7.00 -21.50
C LEU B 281 -1.21 -8.40 -21.06
N HIS B 282 -1.37 -8.56 -19.75
CA HIS B 282 -1.87 -9.80 -19.19
C HIS B 282 -3.37 -9.90 -19.43
N LYS B 283 -3.82 -11.08 -19.90
CA LYS B 283 -5.20 -11.23 -20.31
C LYS B 283 -6.16 -11.07 -19.13
N GLN B 284 -5.90 -11.80 -18.04
CA GLN B 284 -6.82 -11.77 -16.89
C GLN B 284 -6.87 -10.38 -16.27
N ASN B 285 -5.72 -9.69 -16.19
CA ASN B 285 -5.71 -8.35 -15.61
C ASN B 285 -6.37 -7.33 -16.53
N PHE B 286 -6.27 -7.53 -17.85
CA PHE B 286 -6.91 -6.62 -18.79
C PHE B 286 -8.43 -6.66 -18.66
N ARG B 287 -8.99 -7.87 -18.56
CA ARG B 287 -10.44 -7.99 -18.49
C ARG B 287 -10.99 -7.46 -17.18
N ARG B 288 -10.26 -7.68 -16.08
CA ARG B 288 -10.70 -7.18 -14.78
C ARG B 288 -10.85 -5.66 -14.79
N LEU B 289 -9.97 -4.96 -15.53
CA LEU B 289 -10.10 -3.52 -15.67
C LEU B 289 -11.40 -3.16 -16.38
N ILE B 290 -11.80 -3.94 -17.37
CA ILE B 290 -13.04 -3.66 -18.10
C ILE B 290 -14.25 -4.07 -17.27
N GLU B 291 -14.13 -5.14 -16.48
CA GLU B 291 -15.22 -5.50 -15.57
C GLU B 291 -15.44 -4.43 -14.50
N GLN B 292 -14.36 -3.76 -14.09
CA GLN B 292 -14.44 -2.79 -13.00
C GLN B 292 -15.03 -1.47 -13.47
N GLN B 293 -14.47 -0.87 -14.52
CA GLN B 293 -14.87 0.45 -14.97
C GLN B 293 -16.28 0.48 -15.57
N GLN B 294 -16.89 -0.68 -15.81
CA GLN B 294 -18.26 -0.78 -16.34
C GLN B 294 -18.38 -0.04 -17.66
N LEU B 295 -17.55 -0.44 -18.62
CA LEU B 295 -17.51 0.20 -19.94
C LEU B 295 -18.10 -0.65 -21.05
N VAL B 296 -18.19 -1.97 -20.87
CA VAL B 296 -18.56 -2.88 -21.94
C VAL B 296 -19.81 -3.66 -21.53
N GLU B 297 -20.49 -4.20 -22.54
CA GLU B 297 -21.65 -5.05 -22.33
C GLU B 297 -21.76 -6.01 -23.50
N GLU B 298 -22.41 -7.15 -23.25
CA GLU B 298 -22.53 -8.17 -24.28
C GLU B 298 -23.62 -7.81 -25.29
N THR B 299 -23.49 -8.35 -26.50
CA THR B 299 -24.44 -8.11 -27.57
C THR B 299 -25.34 -9.30 -27.87
N GLY B 300 -25.01 -10.49 -27.36
CA GLY B 300 -25.77 -11.69 -27.62
C GLY B 300 -25.31 -12.42 -28.86
N ASP B 301 -24.77 -11.70 -29.83
CA ASP B 301 -24.27 -12.28 -31.07
C ASP B 301 -22.83 -12.74 -30.87
N LYS B 312 -17.38 -14.36 -27.51
CA LYS B 312 -18.42 -13.37 -27.26
C LYS B 312 -18.15 -12.07 -28.01
N LEU B 313 -19.21 -11.46 -28.54
CA LEU B 313 -19.14 -10.13 -29.12
C LEU B 313 -19.59 -9.11 -28.09
N PHE B 314 -18.85 -8.01 -28.00
CA PHE B 314 -19.08 -6.99 -26.99
C PHE B 314 -19.35 -5.64 -27.64
N ARG B 315 -19.81 -4.69 -26.81
CA ARG B 315 -20.20 -3.37 -27.27
C ARG B 315 -19.98 -2.38 -26.13
N PHE B 316 -19.60 -1.15 -26.48
CA PHE B 316 -19.52 -0.09 -25.49
C PHE B 316 -20.92 0.35 -25.06
N ARG B 317 -21.09 0.56 -23.76
CA ARG B 317 -22.40 0.91 -23.23
C ARG B 317 -22.81 2.31 -23.67
N GLN B 318 -24.12 2.54 -23.68
CA GLN B 318 -24.65 3.83 -24.12
C GLN B 318 -24.29 4.95 -23.16
N THR B 319 -24.15 4.64 -21.86
CA THR B 319 -23.77 5.66 -20.90
C THR B 319 -22.37 6.19 -21.16
N VAL B 320 -21.47 5.34 -21.65
CA VAL B 320 -20.12 5.80 -21.99
C VAL B 320 -20.16 6.68 -23.24
N LEU B 321 -21.01 6.32 -24.20
CA LEU B 321 -21.12 7.11 -25.43
C LEU B 321 -21.78 8.47 -25.17
N ASP B 322 -22.77 8.51 -24.27
CA ASP B 322 -23.42 9.77 -23.93
C ASP B 322 -22.54 10.64 -23.06
N GLU B 323 -21.74 10.02 -22.18
CA GLU B 323 -20.82 10.77 -21.33
C GLU B 323 -19.82 11.55 -22.17
N ARG B 324 -19.30 10.94 -23.22
CA ARG B 324 -18.33 11.62 -24.08
C ARG B 324 -19.00 12.71 -24.91
N ALA B 325 -20.26 12.51 -25.29
CA ALA B 325 -20.94 13.49 -26.12
C ALA B 325 -21.20 14.79 -25.36
N LEU B 326 -21.31 14.71 -24.03
CA LEU B 326 -21.61 15.88 -23.22
C LEU B 326 -20.38 16.52 -22.60
N SER B 327 -19.25 15.80 -22.55
CA SER B 327 -18.05 16.33 -21.93
C SER B 327 -17.40 17.43 -22.76
N GLY B 328 -17.67 17.47 -24.06
CA GLY B 328 -17.13 18.52 -24.91
C GLY B 328 -15.72 18.25 -25.38
N THR B 329 -14.89 19.28 -25.35
CA THR B 329 -13.53 19.19 -25.86
C THR B 329 -12.50 19.50 -24.79
N VAL C 37 -24.68 -15.89 -0.46
CA VAL C 37 -23.85 -15.90 0.74
C VAL C 37 -22.39 -16.11 0.36
N THR C 38 -21.51 -15.29 0.92
CA THR C 38 -20.08 -15.37 0.64
C THR C 38 -19.40 -16.24 1.68
N ILE C 39 -18.64 -17.24 1.22
CA ILE C 39 -18.00 -18.21 2.09
C ILE C 39 -16.61 -17.71 2.48
N GLY C 40 -16.20 -18.01 3.72
CA GLY C 40 -14.86 -17.71 4.14
C GLY C 40 -14.64 -16.32 4.68
N LEU C 41 -15.69 -15.63 5.12
CA LEU C 41 -15.55 -14.29 5.66
C LEU C 41 -15.42 -14.34 7.18
N ALA C 42 -14.69 -13.37 7.72
CA ALA C 42 -14.50 -13.28 9.16
C ALA C 42 -14.32 -11.82 9.56
N HIS C 43 -14.75 -11.50 10.76
CA HIS C 43 -14.48 -10.21 11.39
C HIS C 43 -13.33 -10.39 12.36
N ALA C 44 -12.32 -9.53 12.26
CA ALA C 44 -11.11 -9.64 13.05
C ALA C 44 -11.02 -8.49 14.04
N GLU C 45 -10.80 -8.82 15.31
CA GLU C 45 -10.49 -7.84 16.34
C GLU C 45 -9.00 -7.90 16.66
N LEU C 46 -8.40 -6.74 16.83
CA LEU C 46 -7.00 -6.62 17.21
C LEU C 46 -6.96 -6.19 18.66
N ILE C 47 -6.28 -6.97 19.50
CA ILE C 47 -6.31 -6.79 20.95
C ILE C 47 -4.88 -6.63 21.45
N ALA C 48 -4.66 -5.64 22.32
CA ALA C 48 -3.32 -5.28 22.77
C ALA C 48 -3.11 -5.64 24.23
N VAL C 49 -1.99 -6.28 24.51
CA VAL C 49 -1.52 -6.53 25.86
C VAL C 49 -0.23 -5.72 26.04
N VAL C 50 -0.35 -4.54 26.64
CA VAL C 50 0.78 -3.63 26.81
C VAL C 50 1.18 -3.67 28.28
N THR C 51 2.38 -4.18 28.55
CA THR C 51 2.86 -4.43 29.90
C THR C 51 3.90 -3.40 30.32
N ALA C 52 3.81 -2.96 31.57
CA ALA C 52 4.85 -2.16 32.22
C ALA C 52 5.07 -2.69 33.63
N ILE C 53 6.25 -2.41 34.16
CA ILE C 53 6.61 -2.80 35.52
C ILE C 53 6.86 -1.52 36.31
N THR C 54 6.00 -1.27 37.30
CA THR C 54 6.18 -0.18 38.24
C THR C 54 6.13 -0.73 39.66
N THR C 55 6.88 -0.09 40.55
CA THR C 55 7.19 -0.63 41.87
C THR C 55 7.76 -2.03 41.71
N ASP C 56 6.98 -3.04 42.07
CA ASP C 56 7.36 -4.44 41.86
C ASP C 56 6.17 -5.23 41.33
N GLU C 57 5.31 -4.58 40.55
CA GLU C 57 4.07 -5.17 40.09
C GLU C 57 3.98 -5.07 38.57
N PRO C 58 3.72 -6.18 37.88
CA PRO C 58 3.43 -6.11 36.44
C PRO C 58 2.02 -5.55 36.22
N ARG C 59 1.91 -4.60 35.29
CA ARG C 59 0.65 -3.94 35.01
C ARG C 59 0.35 -4.03 33.52
N VAL C 60 -0.95 -4.04 33.20
CA VAL C 60 -1.40 -4.10 31.81
C VAL C 60 -2.24 -2.87 31.53
N THR C 62 -5.22 -0.83 30.23
CA THR C 62 -6.62 -1.19 30.12
C THR C 62 -7.45 0.02 29.71
N VAL C 63 -8.65 -0.26 29.21
CA VAL C 63 -9.68 0.73 28.96
C VAL C 63 -10.96 0.26 29.64
N ARG C 64 -12.00 1.09 29.55
CA ARG C 64 -13.31 0.80 30.13
C ARG C 64 -13.19 0.39 31.61
N GLU C 65 -12.49 1.22 32.37
CA GLU C 65 -12.40 1.10 33.83
C GLU C 65 -11.72 -0.20 34.25
N GLY C 66 -10.77 -0.68 33.43
CA GLY C 66 -10.07 -1.91 33.74
C GLY C 66 -10.79 -3.16 33.32
N ALA C 67 -11.91 -3.05 32.62
CA ALA C 67 -12.70 -4.20 32.19
C ALA C 67 -12.28 -4.74 30.83
N ALA C 68 -11.44 -4.02 30.08
CA ALA C 68 -11.06 -4.45 28.75
C ALA C 68 -9.66 -3.95 28.42
N LEU C 69 -9.02 -4.65 27.50
CA LEU C 69 -7.76 -4.27 26.88
C LEU C 69 -8.02 -3.31 25.74
N PRO C 70 -7.05 -2.48 25.37
CA PRO C 70 -7.20 -1.68 24.15
C PRO C 70 -7.42 -2.59 22.94
N SER C 71 -8.41 -2.25 22.13
CA SER C 71 -8.75 -3.12 21.02
C SER C 71 -9.55 -2.35 19.98
N GLY C 72 -9.59 -2.91 18.77
CA GLY C 72 -10.35 -2.36 17.68
C GLY C 72 -10.38 -3.29 16.49
N PRO C 73 -11.36 -3.13 15.61
CA PRO C 73 -11.48 -4.02 14.45
C PRO C 73 -10.44 -3.74 13.39
N PHE C 74 -10.04 -4.81 12.70
CA PHE C 74 -9.23 -4.66 11.50
C PHE C 74 -10.08 -4.06 10.39
N GLU C 75 -9.56 -3.00 9.76
CA GLU C 75 -10.28 -2.31 8.70
C GLU C 75 -9.47 -2.34 7.42
N PHE C 76 -10.19 -2.30 6.29
CA PHE C 76 -9.55 -2.47 4.99
C PHE C 76 -8.49 -1.42 4.73
N GLY C 77 -8.60 -0.24 5.34
CA GLY C 77 -7.60 0.80 5.20
C GLY C 77 -6.34 0.59 6.02
N HIS C 78 -6.34 -0.37 6.94
CA HIS C 78 -5.14 -0.65 7.71
C HIS C 78 -4.10 -1.32 6.81
N ARG C 79 -2.90 -0.74 6.79
CA ARG C 79 -1.83 -1.30 5.96
C ARG C 79 -1.47 -2.70 6.42
N THR C 80 -1.26 -2.87 7.73
CA THR C 80 -0.93 -4.17 8.31
C THR C 80 -1.77 -4.38 9.56
N LEU C 81 -1.71 -5.60 10.10
CA LEU C 81 -2.38 -5.87 11.37
C LEU C 81 -1.76 -5.06 12.49
N GLN C 82 -0.42 -4.92 12.49
CA GLN C 82 0.26 -4.17 13.53
C GLN C 82 -0.08 -2.68 13.44
N SER C 83 -0.05 -2.12 12.24
CA SER C 83 -0.32 -0.69 12.08
C SER C 83 -1.76 -0.37 12.47
N GLY C 84 -2.69 -1.25 12.15
CA GLY C 84 -4.07 -1.03 12.55
C GLY C 84 -4.24 -1.04 14.06
N LEU C 85 -3.63 -2.04 14.73
CA LEU C 85 -3.73 -2.10 16.19
C LEU C 85 -3.09 -0.88 16.84
N ARG C 86 -1.96 -0.43 16.29
CA ARG C 86 -1.30 0.75 16.85
C ARG C 86 -2.22 1.97 16.77
N GLU C 87 -3.03 2.07 15.72
CA GLU C 87 -3.98 3.17 15.63
C GLU C 87 -5.02 3.10 16.75
N TRP C 88 -5.56 1.91 17.01
CA TRP C 88 -6.55 1.77 18.07
C TRP C 88 -5.94 2.08 19.43
N ILE C 89 -4.69 1.68 19.65
CA ILE C 89 -4.00 2.01 20.90
C ILE C 89 -3.91 3.52 21.07
N HIS C 90 -3.51 4.22 20.01
CA HIS C 90 -3.44 5.68 20.06
C HIS C 90 -4.81 6.28 20.29
N GLU C 91 -5.83 5.75 19.61
CA GLU C 91 -7.17 6.31 19.71
C GLU C 91 -7.76 6.11 21.11
N GLN C 92 -7.50 4.96 21.72
CA GLN C 92 -8.17 4.61 22.97
C GLN C 92 -7.41 5.05 24.22
N THR C 93 -6.08 5.03 24.20
CA THR C 93 -5.30 5.37 25.38
C THR C 93 -4.53 6.68 25.24
N HIS C 94 -4.45 7.26 24.04
CA HIS C 94 -3.61 8.43 23.76
C HIS C 94 -2.17 8.21 24.20
N HIS C 95 -1.75 6.95 24.22
CA HIS C 95 -0.44 6.55 24.73
C HIS C 95 0.31 5.82 23.62
N PRO C 96 1.42 6.35 23.13
CA PRO C 96 2.22 5.57 22.17
C PRO C 96 2.87 4.38 22.86
N VAL C 97 3.13 3.34 22.07
CA VAL C 97 3.76 2.13 22.55
C VAL C 97 5.01 1.87 21.73
N GLY C 98 5.85 0.97 22.22
CA GLY C 98 7.08 0.64 21.54
C GLY C 98 6.90 -0.48 20.52
N TYR C 99 7.76 -1.49 20.60
CA TYR C 99 7.64 -2.62 19.71
C TYR C 99 6.44 -3.49 20.08
N LEU C 100 5.92 -4.19 19.09
CA LEU C 100 4.80 -5.12 19.26
C LEU C 100 5.16 -6.43 18.60
N GLU C 101 4.77 -7.53 19.23
CA GLU C 101 4.93 -8.85 18.63
C GLU C 101 3.62 -9.59 18.72
N GLN C 102 3.30 -10.33 17.66
CA GLN C 102 2.02 -11.01 17.59
C GLN C 102 1.96 -12.14 18.61
N LEU C 103 0.82 -12.24 19.31
CA LEU C 103 0.58 -13.34 20.22
C LEU C 103 -0.03 -14.51 19.47
N TYR C 104 -1.34 -14.69 19.56
CA TYR C 104 -2.01 -15.79 18.89
C TYR C 104 -3.38 -15.32 18.43
N THR C 105 -3.99 -16.13 17.57
CA THR C 105 -5.29 -15.84 16.99
C THR C 105 -6.30 -16.86 17.48
N PHE C 106 -7.38 -16.39 18.11
CA PHE C 106 -8.45 -17.24 18.61
C PHE C 106 -9.69 -17.07 17.74
N ALA C 107 -10.41 -18.16 17.54
CA ALA C 107 -11.67 -18.13 16.81
C ALA C 107 -12.84 -18.34 17.76
N ASP C 108 -14.02 -17.96 17.31
CA ASP C 108 -15.23 -18.09 18.10
C ASP C 108 -15.82 -19.49 17.93
N ARG C 109 -16.87 -19.77 18.68
CA ARG C 109 -17.56 -21.06 18.61
C ARG C 109 -19.02 -20.92 18.99
N ASN C 113 -23.69 -16.46 14.82
CA ASN C 113 -22.87 -15.79 13.81
C ASN C 113 -23.54 -15.78 12.45
N GLU C 114 -24.71 -16.43 12.35
CA GLU C 114 -25.48 -16.38 11.11
C GLU C 114 -25.90 -14.96 10.79
N ILE C 115 -26.20 -14.17 11.82
CA ILE C 115 -26.56 -12.77 11.62
C ILE C 115 -25.37 -11.99 11.07
N LEU C 116 -24.16 -12.37 11.47
CA LEU C 116 -22.98 -11.63 11.05
C LEU C 116 -22.54 -11.98 9.63
N GLY C 117 -22.86 -13.19 9.16
CA GLY C 117 -22.40 -13.63 7.86
C GLY C 117 -20.98 -14.13 7.82
N GLY C 118 -20.28 -14.16 8.95
CA GLY C 118 -18.93 -14.67 9.02
C GLY C 118 -18.59 -15.05 10.44
N ARG C 119 -17.39 -15.61 10.60
CA ARG C 119 -16.86 -15.92 11.91
C ARG C 119 -16.21 -14.68 12.52
N THR C 120 -15.77 -14.80 13.76
CA THR C 120 -15.06 -13.73 14.45
C THR C 120 -13.77 -14.28 15.01
N ILE C 121 -12.67 -13.56 14.78
CA ILE C 121 -11.35 -13.96 15.27
C ILE C 121 -10.77 -12.82 16.09
N SER C 122 -9.94 -13.17 17.06
CA SER C 122 -9.27 -12.21 17.92
C SER C 122 -7.77 -12.40 17.78
N ILE C 123 -7.07 -11.33 17.42
CA ILE C 123 -5.64 -11.37 17.17
C ILE C 123 -4.96 -10.52 18.25
N GLY C 124 -4.23 -11.18 19.15
CA GLY C 124 -3.56 -10.48 20.22
C GLY C 124 -2.14 -10.06 19.87
N TYR C 125 -1.68 -9.00 20.56
CA TYR C 125 -0.32 -8.51 20.43
C TYR C 125 0.22 -8.15 21.81
N LEU C 126 1.53 -8.27 21.97
CA LEU C 126 2.21 -7.99 23.22
C LEU C 126 3.15 -6.80 23.04
N GLY C 127 3.04 -5.83 23.93
CA GLY C 127 3.92 -4.69 23.92
C GLY C 127 4.51 -4.45 25.31
N LEU C 128 5.73 -3.92 25.31
CA LEU C 128 6.45 -3.58 26.54
C LEU C 128 6.82 -2.11 26.51
N VAL C 129 6.49 -1.38 27.56
CA VAL C 129 6.71 0.06 27.64
C VAL C 129 7.11 0.44 29.06
N ARG C 130 7.41 1.72 29.26
CA ARG C 130 7.56 2.32 30.57
C ARG C 130 6.31 3.14 30.88
N GLU C 131 5.78 2.97 32.08
CA GLU C 131 4.56 3.68 32.47
C GLU C 131 4.84 5.13 32.82
N ALA C 140 -7.58 4.01 29.93
CA ALA C 140 -6.17 4.29 29.61
C ALA C 140 -5.29 4.11 30.83
N PHE C 141 -5.88 3.65 31.93
CA PHE C 141 -5.14 3.47 33.17
C PHE C 141 -4.54 2.07 33.24
N TRP C 142 -3.68 1.88 34.24
CA TRP C 142 -2.92 0.64 34.42
C TRP C 142 -3.54 -0.18 35.54
N HIS C 143 -3.71 -1.47 35.30
CA HIS C 143 -4.15 -2.42 36.31
C HIS C 143 -3.16 -3.57 36.37
N GLY C 144 -2.93 -4.11 37.56
CA GLY C 144 -1.97 -5.18 37.71
C GLY C 144 -2.45 -6.47 37.06
N TRP C 145 -1.47 -7.24 36.56
CA TRP C 145 -1.76 -8.56 36.02
C TRP C 145 -2.59 -9.39 37.00
N TYR C 146 -2.22 -9.35 38.27
CA TYR C 146 -2.71 -10.31 39.26
C TYR C 146 -4.04 -9.89 39.89
N GLU C 147 -4.61 -8.75 39.49
CA GLU C 147 -6.03 -8.53 39.73
C GLU C 147 -6.86 -9.51 38.91
N TYR C 148 -6.44 -9.76 37.67
CA TYR C 148 -7.13 -10.67 36.77
C TYR C 148 -6.68 -12.12 36.93
N PHE C 149 -5.43 -12.34 37.33
CA PHE C 149 -4.87 -13.69 37.47
C PHE C 149 -4.18 -13.84 38.82
N PRO C 150 -4.93 -13.73 39.93
CA PRO C 150 -4.29 -13.78 41.24
C PRO C 150 -3.61 -15.11 41.55
N TRP C 151 -4.06 -16.20 40.93
CA TRP C 151 -3.46 -17.51 41.15
C TRP C 151 -2.14 -17.69 40.42
N GLU C 152 -1.71 -16.71 39.63
CA GLU C 152 -0.47 -16.81 38.86
C GLU C 152 0.72 -16.20 39.57
N ASP C 153 0.53 -15.57 40.72
CA ASP C 153 1.61 -14.92 41.46
C ASP C 153 1.94 -15.75 42.70
N HIS C 154 3.08 -16.44 42.66
CA HIS C 154 3.56 -17.24 43.78
C HIS C 154 4.80 -16.63 44.44
N ARG C 155 5.00 -15.32 44.28
CA ARG C 155 6.20 -14.69 44.83
C ARG C 155 6.22 -14.76 46.35
N GLN C 156 5.09 -14.48 46.99
CA GLN C 156 4.98 -14.54 48.44
C GLN C 156 4.32 -15.83 48.92
N GLY C 157 4.53 -16.92 48.20
CA GLY C 157 3.95 -18.21 48.56
C GLY C 157 2.69 -18.52 47.77
N ARG C 158 2.15 -19.69 48.06
CA ARG C 158 0.94 -20.16 47.39
C ARG C 158 -0.21 -19.19 47.63
N PRO C 159 -0.86 -18.69 46.58
CA PRO C 159 -1.99 -17.77 46.77
C PRO C 159 -3.13 -18.47 47.50
N ASP C 160 -3.80 -17.70 48.37
CA ASP C 160 -4.90 -18.26 49.16
C ASP C 160 -6.05 -18.73 48.28
N ILE C 161 -6.28 -18.05 47.16
CA ILE C 161 -7.41 -18.38 46.30
C ILE C 161 -7.21 -19.72 45.60
N LEU C 162 -5.97 -20.23 45.55
CA LEU C 162 -5.70 -21.45 44.81
C LEU C 162 -6.37 -22.66 45.45
N ASP C 163 -6.51 -22.67 46.78
CA ASP C 163 -7.18 -23.79 47.43
C ASP C 163 -8.65 -23.87 47.02
N SER C 164 -9.32 -22.72 46.89
CA SER C 164 -10.71 -22.72 46.44
C SER C 164 -10.81 -23.15 44.98
N ILE C 165 -9.84 -22.75 44.17
CA ILE C 165 -9.84 -23.14 42.76
C ILE C 165 -9.62 -24.64 42.62
N ILE C 166 -8.65 -25.18 43.35
CA ILE C 166 -8.35 -26.60 43.29
C ILE C 166 -9.56 -27.43 43.73
N ASP C 167 -10.24 -26.99 44.78
CA ASP C 167 -11.42 -27.71 45.26
C ASP C 167 -12.52 -27.72 44.20
N LYS C 168 -12.81 -26.56 43.61
CA LYS C 168 -13.81 -26.50 42.55
C LYS C 168 -13.37 -27.28 41.32
N LEU C 169 -12.08 -27.19 40.97
CA LEU C 169 -11.59 -27.91 39.81
C LEU C 169 -11.63 -29.42 40.02
N ARG C 170 -11.45 -29.88 41.25
CA ARG C 170 -11.53 -31.31 41.53
C ARG C 170 -12.96 -31.82 41.40
N ALA C 171 -13.93 -31.06 41.91
CA ALA C 171 -15.32 -31.48 41.82
C ALA C 171 -15.77 -31.60 40.37
N TRP C 172 -15.32 -30.66 39.52
CA TRP C 172 -15.65 -30.74 38.10
C TRP C 172 -15.00 -31.94 37.44
N ALA C 173 -13.72 -32.20 37.76
CA ALA C 173 -13.02 -33.33 37.16
C ALA C 173 -13.58 -34.66 37.61
N ASP C 174 -14.28 -34.71 38.75
CA ASP C 174 -14.90 -35.93 39.24
C ASP C 174 -16.40 -35.99 38.96
N SER C 175 -16.97 -34.94 38.34
CA SER C 175 -18.42 -34.90 38.16
C SER C 175 -18.90 -35.93 37.15
N GLU C 176 -18.07 -36.29 36.17
CA GLU C 176 -18.41 -37.32 35.20
C GLU C 176 -17.39 -38.45 35.29
N PRO C 177 -17.76 -39.62 35.84
CA PRO C 177 -16.76 -40.69 35.99
C PRO C 177 -16.13 -41.14 34.68
N ASP C 178 -16.89 -41.17 33.59
CA ASP C 178 -16.35 -41.63 32.31
C ASP C 178 -15.25 -40.73 31.77
N SER C 179 -15.20 -39.47 32.21
CA SER C 179 -14.17 -38.53 31.78
C SER C 179 -13.35 -38.02 32.95
N ARG C 180 -13.39 -38.73 34.09
CA ARG C 180 -12.65 -38.28 35.27
C ARG C 180 -11.14 -38.37 35.03
N ALA C 181 -10.68 -39.47 34.42
CA ALA C 181 -9.24 -39.66 34.25
C ALA C 181 -8.64 -38.60 33.34
N GLN C 182 -9.30 -38.31 32.21
CA GLN C 182 -8.75 -37.34 31.28
C GLN C 182 -8.79 -35.92 31.83
N ARG C 183 -9.81 -35.59 32.64
CA ARG C 183 -9.88 -34.28 33.24
C ARG C 183 -8.84 -34.11 34.35
N HIS C 184 -8.56 -35.18 35.09
CA HIS C 184 -7.49 -35.13 36.09
C HIS C 184 -6.13 -34.89 35.42
N LEU C 185 -5.91 -35.48 34.26
CA LEU C 185 -4.65 -35.31 33.55
C LEU C 185 -4.45 -33.86 33.12
N ARG C 186 -5.51 -33.21 32.62
CA ARG C 186 -5.42 -31.80 32.27
C ARG C 186 -5.26 -30.95 33.52
N ALA C 187 -6.00 -31.28 34.59
CA ALA C 187 -5.94 -30.48 35.81
C ALA C 187 -4.58 -30.62 36.51
N ASP C 188 -3.91 -31.76 36.33
CA ASP C 188 -2.58 -31.93 36.92
C ASP C 188 -1.51 -31.26 36.08
N PHE C 189 -1.64 -31.35 34.75
CA PHE C 189 -0.70 -30.67 33.86
C PHE C 189 -0.75 -29.15 34.03
N THR C 190 -1.94 -28.61 34.33
CA THR C 190 -2.10 -27.17 34.47
C THR C 190 -1.95 -26.71 35.91
N PHE C 191 -2.64 -27.36 36.85
CA PHE C 191 -2.70 -26.90 38.22
C PHE C 191 -2.06 -27.86 39.22
N GLY C 192 -1.49 -28.97 38.78
CA GLY C 192 -0.91 -29.93 39.71
C GLY C 192 -1.92 -30.57 40.64
N LEU C 193 -3.10 -30.88 40.12
CA LEU C 193 -4.15 -31.47 40.96
C LEU C 193 -3.73 -32.83 41.50
N ASP C 194 -3.12 -33.66 40.65
CA ASP C 194 -2.67 -34.99 41.03
C ASP C 194 -1.21 -35.04 41.47
N GLY C 195 -0.72 -33.96 42.10
CA GLY C 195 0.64 -33.94 42.61
C GLY C 195 1.71 -33.57 41.60
N GLY C 196 1.34 -33.01 40.46
CA GLY C 196 2.30 -32.60 39.47
C GLY C 196 3.03 -31.33 39.86
N GLY C 197 3.96 -30.92 39.00
CA GLY C 197 4.70 -29.70 39.19
C GLY C 197 3.91 -28.48 38.82
N TRP C 198 4.63 -27.38 38.55
CA TRP C 198 4.02 -26.11 38.17
C TRP C 198 4.88 -25.46 37.11
N ASN C 199 4.29 -25.19 35.95
CA ASN C 199 4.94 -24.45 34.88
C ASN C 199 4.28 -23.09 34.79
N GLU C 200 5.05 -22.03 35.02
CA GLU C 200 4.47 -20.68 35.03
C GLU C 200 4.06 -20.22 33.64
N GLU C 201 4.56 -20.87 32.58
CA GLU C 201 4.24 -20.49 31.22
C GLU C 201 2.85 -20.94 30.79
N LEU C 202 2.18 -21.80 31.55
CA LEU C 202 0.91 -22.38 31.16
C LEU C 202 -0.28 -21.52 31.57
N THR C 203 -0.11 -20.19 31.59
CA THR C 203 -1.18 -19.31 32.03
C THR C 203 -2.41 -19.45 31.14
N LEU C 204 -2.22 -19.61 29.83
CA LEU C 204 -3.37 -19.76 28.94
C LEU C 204 -4.07 -21.09 29.16
N GLN C 205 -3.30 -22.18 29.26
CA GLN C 205 -3.90 -23.50 29.45
C GLN C 205 -4.62 -23.59 30.78
N ARG C 206 -4.09 -22.95 31.82
CA ARG C 206 -4.79 -22.89 33.09
C ARG C 206 -6.10 -22.12 32.95
N TYR C 207 -6.07 -20.98 32.26
CA TYR C 207 -7.29 -20.19 32.11
C TYR C 207 -8.33 -20.93 31.27
N GLU C 208 -7.89 -21.60 30.20
CA GLU C 208 -8.84 -22.29 29.34
C GLU C 208 -9.50 -23.47 30.07
N LEU C 209 -8.79 -24.09 31.00
CA LEU C 209 -9.41 -25.15 31.80
C LEU C 209 -10.44 -24.57 32.75
N LEU C 210 -10.11 -23.46 33.42
CA LEU C 210 -11.08 -22.81 34.31
C LEU C 210 -12.33 -22.39 33.55
N TYR C 211 -12.16 -21.91 32.31
CA TYR C 211 -13.31 -21.55 31.49
C TYR C 211 -14.17 -22.77 31.18
N GLU C 212 -13.53 -23.85 30.71
CA GLU C 212 -14.28 -25.06 30.38
C GLU C 212 -14.98 -25.64 31.60
N ALA C 213 -14.37 -25.53 32.77
CA ALA C 213 -14.99 -26.00 34.01
C ALA C 213 -16.01 -25.03 34.57
N GLY C 214 -16.24 -23.89 33.91
CA GLY C 214 -17.20 -22.92 34.40
C GLY C 214 -16.78 -22.20 35.66
N LEU C 215 -15.47 -21.94 35.82
CA LEU C 215 -14.95 -21.36 37.05
C LEU C 215 -14.50 -19.91 36.88
N VAL C 216 -14.74 -19.31 35.72
CA VAL C 216 -14.53 -17.88 35.53
C VAL C 216 -15.85 -17.26 35.07
N GLY C 217 -16.01 -15.97 35.35
CA GLY C 217 -17.26 -15.29 35.03
C GLY C 217 -17.59 -15.33 33.55
N GLU C 218 -16.57 -15.28 32.69
CA GLU C 218 -16.79 -15.28 31.24
C GLU C 218 -17.42 -16.57 30.73
N ALA C 219 -17.42 -17.63 31.52
CA ALA C 219 -17.97 -18.91 31.08
C ALA C 219 -19.49 -18.91 31.15
N ILE C 225 -19.90 -18.82 39.27
CA ILE C 225 -18.62 -19.04 39.92
C ILE C 225 -17.53 -18.30 39.17
N ASN C 226 -16.68 -17.57 39.89
CA ASN C 226 -15.65 -16.75 39.26
C ASN C 226 -14.47 -16.57 40.19
N PHE C 227 -13.27 -16.65 39.63
CA PHE C 227 -12.02 -16.36 40.33
C PHE C 227 -11.26 -15.31 39.52
N GLY C 228 -10.81 -14.27 40.20
CA GLY C 228 -10.13 -13.17 39.55
C GLY C 228 -11.10 -12.19 38.90
N ARG C 229 -10.59 -11.00 38.63
CA ARG C 229 -11.44 -9.97 38.02
C ARG C 229 -11.74 -10.33 36.57
N PRO C 230 -13.00 -10.43 36.17
CA PRO C 230 -13.31 -10.75 34.78
C PRO C 230 -13.03 -9.57 33.86
N PHE C 232 -14.24 -7.99 29.71
CA PHE C 232 -15.21 -8.08 28.63
C PHE C 232 -14.67 -9.00 27.53
N ALA C 233 -15.61 -9.68 26.86
CA ALA C 233 -15.32 -10.54 25.71
C ALA C 233 -14.28 -11.58 26.11
N ASP C 234 -13.23 -11.79 25.34
CA ASP C 234 -12.23 -12.83 25.59
C ASP C 234 -10.89 -12.25 26.01
N HIS C 235 -10.91 -11.07 26.65
CA HIS C 235 -9.65 -10.34 26.84
C HIS C 235 -8.79 -10.96 27.93
N ARG C 236 -9.38 -11.65 28.91
CA ARG C 236 -8.55 -12.41 29.85
C ARG C 236 -7.84 -13.55 29.14
N ARG C 237 -8.49 -14.16 28.15
CA ARG C 237 -7.84 -15.18 27.34
C ARG C 237 -6.65 -14.59 26.58
N ILE C 238 -6.81 -13.37 26.05
CA ILE C 238 -5.70 -12.69 25.38
C ILE C 238 -4.62 -12.31 26.39
N LEU C 239 -5.02 -11.77 27.55
CA LEU C 239 -4.05 -11.39 28.56
C LEU C 239 -3.25 -12.60 29.04
N ALA C 240 -3.92 -13.75 29.19
CA ALA C 240 -3.21 -14.96 29.59
C ALA C 240 -2.14 -15.33 28.57
N THR C 241 -2.44 -15.16 27.28
CA THR C 241 -1.48 -15.48 26.24
C THR C 241 -0.28 -14.55 26.27
N GLY C 242 -0.49 -13.28 26.63
CA GLY C 242 0.63 -12.36 26.73
C GLY C 242 1.51 -12.64 27.94
N ILE C 243 0.89 -12.96 29.08
CA ILE C 243 1.64 -13.36 30.27
C ILE C 243 2.48 -14.58 29.96
N ALA C 244 1.90 -15.57 29.28
CA ALA C 244 2.63 -16.79 28.94
C ALA C 244 3.78 -16.49 27.99
N ARG C 245 3.55 -15.64 26.98
CA ARG C 245 4.60 -15.27 26.05
C ARG C 245 5.75 -14.58 26.77
N LEU C 246 5.44 -13.68 27.71
CA LEU C 246 6.49 -12.96 28.40
C LEU C 246 7.25 -13.86 29.36
N ARG C 247 6.58 -14.83 29.99
CA ARG C 247 7.26 -15.73 30.90
C ARG C 247 8.15 -16.71 30.14
N ALA C 248 7.72 -17.17 28.97
CA ALA C 248 8.58 -18.00 28.14
C ALA C 248 9.76 -17.19 27.58
N LYS C 249 9.56 -15.89 27.35
CA LYS C 249 10.65 -15.08 26.83
C LYS C 249 11.73 -14.85 27.88
N ILE C 250 11.32 -14.61 29.13
CA ILE C 250 12.29 -14.34 30.18
C ILE C 250 12.96 -15.60 30.69
N LYS C 251 12.35 -16.77 30.51
CA LYS C 251 12.96 -18.01 30.97
C LYS C 251 14.19 -18.36 30.17
N TYR C 252 14.19 -18.07 28.86
CA TYR C 252 15.29 -18.45 27.98
C TYR C 252 16.23 -17.29 27.66
N ARG C 253 15.68 -16.12 27.32
CA ARG C 253 16.50 -14.96 26.95
C ARG C 253 15.74 -13.69 27.30
N PRO C 254 15.91 -13.20 28.53
CA PRO C 254 15.14 -12.02 28.96
C PRO C 254 15.57 -10.73 28.29
N VAL C 255 14.94 -10.40 27.16
CA VAL C 255 15.14 -9.13 26.48
C VAL C 255 13.99 -8.23 26.93
N VAL C 256 14.21 -7.50 28.02
CA VAL C 256 13.16 -6.69 28.62
C VAL C 256 13.66 -5.26 28.84
N PHE C 257 14.48 -4.75 27.92
CA PHE C 257 15.02 -3.40 28.08
C PHE C 257 13.93 -2.34 27.99
N GLU C 258 12.83 -2.64 27.27
CA GLU C 258 11.73 -1.69 27.17
C GLU C 258 11.05 -1.48 28.51
N LEU C 259 10.99 -2.53 29.34
CA LEU C 259 10.42 -2.42 30.66
C LEU C 259 11.35 -1.74 31.66
N ALA C 261 14.68 0.88 32.92
CA ALA C 261 15.27 2.18 32.65
C ALA C 261 16.59 2.00 31.89
N ASP C 262 17.23 3.13 31.57
CA ASP C 262 18.49 3.07 30.85
C ASP C 262 19.58 2.36 31.66
N SER C 263 19.52 2.45 32.97
CA SER C 263 20.47 1.76 33.84
C SER C 263 19.73 1.27 35.08
N PHE C 264 20.18 0.13 35.61
CA PHE C 264 19.49 -0.55 36.70
C PHE C 264 20.47 -1.47 37.40
N THR C 265 20.27 -1.68 38.70
CA THR C 265 21.06 -2.66 39.41
C THR C 265 20.53 -4.07 39.12
N LEU C 266 21.38 -5.06 39.40
CA LEU C 266 20.99 -6.45 39.16
C LEU C 266 19.81 -6.85 40.05
N LEU C 267 19.69 -6.23 41.22
CA LEU C 267 18.55 -6.54 42.09
C LEU C 267 17.24 -6.05 41.47
N GLN C 268 17.25 -4.86 40.88
CA GLN C 268 16.06 -4.37 40.18
C GLN C 268 15.69 -5.27 39.02
N LEU C 269 16.68 -5.72 38.25
CA LEU C 269 16.40 -6.64 37.16
C LEU C 269 15.82 -7.95 37.67
N GLN C 270 16.27 -8.41 38.84
CA GLN C 270 15.74 -9.64 39.42
C GLN C 270 14.31 -9.44 39.91
N ARG C 271 14.06 -8.36 40.65
CA ARG C 271 12.71 -8.08 41.12
C ARG C 271 11.73 -7.90 39.97
N ALA C 272 12.22 -7.44 38.82
CA ALA C 272 11.36 -7.26 37.65
C ALA C 272 11.03 -8.60 36.99
N ILE C 273 12.04 -9.46 36.80
CA ILE C 273 11.78 -10.77 36.22
C ILE C 273 10.93 -11.62 37.17
N GLU C 274 11.18 -11.50 38.48
CA GLU C 274 10.36 -12.22 39.45
C GLU C 274 8.91 -11.74 39.42
N ALA C 275 8.69 -10.45 39.13
CA ALA C 275 7.33 -9.94 39.02
C ALA C 275 6.65 -10.49 37.77
N LEU C 276 7.39 -10.65 36.67
CA LEU C 276 6.81 -11.16 35.44
C LEU C 276 6.53 -12.65 35.54
N ALA C 277 7.46 -13.41 36.11
CA ALA C 277 7.30 -14.85 36.25
C ALA C 277 6.36 -15.24 37.38
N GLY C 278 6.01 -14.31 38.26
CA GLY C 278 5.22 -14.65 39.42
C GLY C 278 5.90 -15.64 40.34
N LEU C 279 7.23 -15.66 40.35
CA LEU C 279 8.01 -16.62 41.12
C LEU C 279 9.19 -15.91 41.75
N THR C 280 9.65 -16.43 42.88
CA THR C 280 10.89 -15.97 43.49
C THR C 280 12.04 -16.80 42.94
N LEU C 281 13.05 -16.13 42.39
CA LEU C 281 14.18 -16.80 41.78
C LEU C 281 15.38 -16.78 42.71
N HIS C 282 16.28 -17.74 42.50
CA HIS C 282 17.54 -17.77 43.23
C HIS C 282 18.46 -16.68 42.71
N LYS C 283 19.20 -16.05 43.64
CA LYS C 283 20.14 -15.00 43.25
C LYS C 283 21.19 -15.51 42.29
N GLN C 284 21.89 -16.59 42.67
CA GLN C 284 23.01 -17.06 41.88
C GLN C 284 22.57 -17.66 40.55
N ASN C 285 21.40 -18.29 40.51
CA ASN C 285 20.93 -18.90 39.26
C ASN C 285 20.47 -17.85 38.27
N PHE C 286 20.03 -16.68 38.74
CA PHE C 286 19.61 -15.61 37.84
C PHE C 286 20.81 -14.85 37.27
N ARG C 287 21.88 -14.69 38.06
CA ARG C 287 23.05 -13.98 37.56
C ARG C 287 23.72 -14.72 36.42
N ARG C 288 23.72 -16.07 36.45
CA ARG C 288 24.38 -16.83 35.41
C ARG C 288 23.58 -16.88 34.12
N LEU C 289 22.24 -16.74 34.21
CA LEU C 289 21.43 -16.70 33.00
C LEU C 289 21.72 -15.45 32.17
N ILE C 290 22.02 -14.34 32.83
CA ILE C 290 22.26 -13.09 32.12
C ILE C 290 23.64 -13.09 31.47
N GLU C 291 24.66 -13.52 32.21
CA GLU C 291 26.02 -13.47 31.69
C GLU C 291 26.25 -14.50 30.58
N GLN C 292 25.43 -15.54 30.49
CA GLN C 292 25.58 -16.52 29.42
C GLN C 292 24.86 -16.10 28.15
N GLN C 293 23.94 -15.14 28.23
CA GLN C 293 23.23 -14.65 27.06
C GLN C 293 23.79 -13.33 26.53
N GLN C 294 24.79 -12.78 27.18
CA GLN C 294 25.41 -11.50 26.79
C GLN C 294 24.35 -10.40 26.65
N LEU C 295 23.63 -10.17 27.74
CA LEU C 295 22.50 -9.24 27.75
C LEU C 295 22.88 -7.87 28.30
N VAL C 296 23.51 -7.80 29.46
CA VAL C 296 23.78 -6.53 30.12
C VAL C 296 25.27 -6.29 30.20
N GLU C 297 25.63 -5.01 30.35
CA GLU C 297 27.00 -4.59 30.56
C GLU C 297 27.03 -3.60 31.72
N GLU C 298 28.24 -3.22 32.12
CA GLU C 298 28.46 -2.39 33.30
C GLU C 298 28.56 -0.93 32.89
N THR C 299 27.85 -0.06 33.61
CA THR C 299 27.87 1.36 33.29
C THR C 299 28.93 2.12 34.08
N GLY C 300 29.31 1.62 35.25
CA GLY C 300 30.30 2.25 36.09
C GLY C 300 29.73 3.05 37.25
N ASP C 301 28.51 3.54 37.12
CA ASP C 301 27.89 4.32 38.18
C ASP C 301 27.21 3.39 39.19
N ALA C 303 24.24 3.14 42.78
CA ALA C 303 23.02 3.68 43.38
C ALA C 303 22.83 3.16 44.80
N PRO C 310 25.24 -0.17 49.00
CA PRO C 310 25.22 0.35 47.62
C PRO C 310 25.26 -0.77 46.58
N ALA C 311 24.70 -0.51 45.40
CA ALA C 311 24.63 -1.48 44.33
C ALA C 311 25.23 -0.90 43.07
N LYS C 312 25.50 -1.77 42.09
CA LYS C 312 26.11 -1.39 40.82
C LYS C 312 25.06 -1.40 39.73
N LEU C 313 24.95 -0.29 39.00
CA LEU C 313 23.97 -0.17 37.94
C LEU C 313 24.44 -0.90 36.68
N PHE C 314 23.47 -1.36 35.89
CA PHE C 314 23.73 -2.10 34.67
C PHE C 314 22.80 -1.63 33.57
N ARG C 315 23.22 -1.81 32.33
CA ARG C 315 22.43 -1.47 31.17
C ARG C 315 22.44 -2.64 30.19
N PHE C 316 21.36 -2.77 29.42
CA PHE C 316 21.36 -3.72 28.33
C PHE C 316 22.32 -3.26 27.25
N ARG C 317 23.09 -4.19 26.70
CA ARG C 317 24.10 -3.83 25.72
C ARG C 317 23.46 -3.22 24.47
N GLN C 318 24.23 -2.37 23.79
CA GLN C 318 23.74 -1.74 22.57
C GLN C 318 23.44 -2.78 21.50
N THR C 319 24.11 -3.93 21.54
CA THR C 319 23.83 -4.99 20.58
C THR C 319 22.42 -5.54 20.77
N VAL C 320 22.00 -5.73 22.02
CA VAL C 320 20.65 -6.23 22.30
C VAL C 320 19.61 -5.25 21.77
N LEU C 321 19.82 -3.95 21.99
CA LEU C 321 18.90 -2.96 21.48
C LEU C 321 18.83 -2.98 19.96
N ASP C 322 19.96 -3.24 19.29
CA ASP C 322 19.99 -3.26 17.83
C ASP C 322 19.24 -4.46 17.27
N GLU C 323 19.41 -5.64 17.89
CA GLU C 323 18.80 -6.85 17.35
C GLU C 323 17.27 -6.79 17.45
N ARG C 324 16.75 -6.40 18.61
CA ARG C 324 15.30 -6.30 18.78
C ARG C 324 14.73 -5.21 17.88
N ALA C 325 15.46 -4.12 17.68
CA ALA C 325 14.97 -3.01 16.88
C ALA C 325 14.76 -3.38 15.41
N LEU C 326 15.47 -4.39 14.93
CA LEU C 326 15.48 -4.74 13.51
C LEU C 326 14.59 -5.94 13.23
N SER C 327 13.35 -5.90 13.72
CA SER C 327 12.39 -6.99 13.59
C SER C 327 12.96 -8.31 14.11
N HIS D 33 -23.53 6.46 14.29
CA HIS D 33 -24.26 5.20 14.28
C HIS D 33 -25.64 5.34 14.93
N PRO D 34 -26.67 5.52 14.11
CA PRO D 34 -28.04 5.71 14.65
C PRO D 34 -28.72 4.38 14.98
N PHE D 35 -28.34 3.83 16.13
CA PHE D 35 -28.84 2.54 16.61
C PHE D 35 -28.53 1.41 15.62
N THR D 36 -27.48 1.59 14.83
CA THR D 36 -27.01 0.56 13.91
C THR D 36 -25.53 0.32 14.16
N VAL D 37 -25.08 -0.88 13.84
CA VAL D 37 -23.67 -1.26 13.98
C VAL D 37 -23.20 -1.84 12.66
N THR D 38 -22.13 -1.27 12.11
CA THR D 38 -21.52 -1.76 10.88
C THR D 38 -20.28 -2.57 11.24
N ILE D 39 -20.25 -3.82 10.81
CA ILE D 39 -19.19 -4.75 11.18
C ILE D 39 -18.44 -5.15 9.91
N GLY D 40 -17.12 -4.96 9.93
CA GLY D 40 -16.31 -5.25 8.77
C GLY D 40 -15.90 -6.71 8.70
N LEU D 41 -15.86 -7.23 7.48
CA LEU D 41 -15.49 -8.62 7.23
C LEU D 41 -14.33 -8.68 6.24
N ALA D 42 -13.48 -9.68 6.41
CA ALA D 42 -12.37 -9.92 5.51
C ALA D 42 -12.35 -11.40 5.13
N HIS D 43 -11.68 -11.70 4.01
CA HIS D 43 -11.40 -13.08 3.69
C HIS D 43 -10.50 -13.68 4.76
N ALA D 44 -10.88 -14.85 5.27
CA ALA D 44 -10.10 -15.59 6.24
C ALA D 44 -9.61 -16.88 5.60
N GLU D 45 -8.30 -17.12 5.67
CA GLU D 45 -7.67 -18.27 5.03
C GLU D 45 -6.80 -18.98 6.05
N LEU D 46 -6.77 -20.31 5.95
CA LEU D 46 -5.91 -21.15 6.77
C LEU D 46 -4.82 -21.73 5.88
N ILE D 47 -3.58 -21.68 6.34
CA ILE D 47 -2.44 -22.13 5.55
C ILE D 47 -1.65 -23.12 6.36
N ALA D 48 -1.16 -24.18 5.70
CA ALA D 48 -0.46 -25.27 6.35
C ALA D 48 1.00 -25.31 5.91
N VAL D 49 1.90 -25.33 6.88
CA VAL D 49 3.32 -25.59 6.65
C VAL D 49 3.61 -26.93 7.31
N VAL D 50 3.60 -27.99 6.52
CA VAL D 50 3.81 -29.36 7.02
C VAL D 50 5.19 -29.82 6.58
N THR D 51 6.03 -30.17 7.55
CA THR D 51 7.44 -30.45 7.30
C THR D 51 7.74 -31.93 7.54
N ALA D 52 8.52 -32.51 6.63
CA ALA D 52 9.04 -33.86 6.79
C ALA D 52 10.50 -33.88 6.35
N ILE D 53 11.29 -34.72 7.01
CA ILE D 53 12.71 -34.88 6.71
C ILE D 53 12.90 -36.29 6.13
N THR D 54 13.23 -36.35 4.85
CA THR D 54 13.56 -37.61 4.19
C THR D 54 14.86 -37.45 3.42
N THR D 55 15.74 -38.43 3.55
CA THR D 55 17.08 -38.39 2.96
C THR D 55 17.82 -37.13 3.40
N ASP D 56 17.90 -36.94 4.72
CA ASP D 56 18.49 -35.78 5.38
C ASP D 56 18.20 -34.45 4.67
N GLU D 57 16.98 -34.30 4.17
CA GLU D 57 16.57 -33.09 3.46
C GLU D 57 15.23 -32.62 3.99
N PRO D 58 15.15 -31.45 4.62
CA PRO D 58 13.86 -30.95 5.09
C PRO D 58 12.95 -30.60 3.92
N ARG D 59 11.72 -31.11 3.97
CA ARG D 59 10.75 -30.93 2.91
C ARG D 59 9.49 -30.28 3.44
N VAL D 60 8.71 -29.70 2.53
CA VAL D 60 7.44 -29.07 2.85
C VAL D 60 6.39 -29.54 1.86
N THR D 62 3.38 -29.34 -0.58
CA THR D 62 2.91 -28.30 -1.49
C THR D 62 1.74 -28.83 -2.32
N VAL D 63 1.07 -27.90 -3.00
CA VAL D 63 0.01 -28.21 -3.95
C VAL D 63 0.26 -27.39 -5.21
N ARG D 64 -0.52 -27.67 -6.24
CA ARG D 64 -0.48 -26.93 -7.51
C ARG D 64 0.93 -26.93 -8.10
N GLU D 65 1.49 -28.13 -8.24
CA GLU D 65 2.81 -28.34 -8.83
C GLU D 65 3.90 -27.61 -8.05
N GLY D 66 3.75 -27.54 -6.73
CA GLY D 66 4.78 -26.96 -5.88
C GLY D 66 4.82 -25.46 -5.83
N ALA D 67 3.81 -24.77 -6.35
CA ALA D 67 3.78 -23.31 -6.34
C ALA D 67 3.03 -22.74 -5.14
N ALA D 68 2.45 -23.58 -4.29
CA ALA D 68 1.68 -23.09 -3.15
C ALA D 68 1.66 -24.15 -2.06
N LEU D 69 1.28 -23.72 -0.87
CA LEU D 69 1.04 -24.56 0.28
C LEU D 69 -0.43 -24.93 0.35
N PRO D 70 -0.77 -26.03 1.03
CA PRO D 70 -2.18 -26.34 1.26
C PRO D 70 -2.87 -25.21 2.01
N SER D 71 -4.03 -24.77 1.50
CA SER D 71 -4.71 -23.65 2.10
C SER D 71 -6.19 -23.71 1.74
N GLY D 72 -7.00 -23.06 2.57
CA GLY D 72 -8.43 -22.98 2.36
C GLY D 72 -9.08 -21.97 3.27
N PRO D 73 -10.30 -21.55 2.91
CA PRO D 73 -11.00 -20.54 3.71
C PRO D 73 -11.49 -21.09 5.04
N PHE D 74 -11.60 -20.19 6.01
CA PHE D 74 -12.18 -20.52 7.31
C PHE D 74 -13.70 -20.38 7.19
N GLU D 75 -14.41 -21.50 7.30
CA GLU D 75 -15.84 -21.56 7.01
C GLU D 75 -16.66 -21.65 8.29
N PHE D 76 -17.97 -21.44 8.12
CA PHE D 76 -18.90 -21.51 9.25
C PHE D 76 -18.88 -22.90 9.90
N GLY D 77 -18.89 -23.95 9.07
CA GLY D 77 -18.98 -25.31 9.59
C GLY D 77 -17.76 -25.75 10.37
N HIS D 78 -16.62 -25.11 10.17
CA HIS D 78 -15.41 -25.49 10.88
C HIS D 78 -15.54 -25.09 12.35
N ARG D 79 -15.33 -26.07 13.24
CA ARG D 79 -15.49 -25.79 14.66
C ARG D 79 -14.32 -24.99 15.23
N THR D 80 -13.10 -25.25 14.77
CA THR D 80 -11.94 -24.48 15.18
C THR D 80 -11.09 -24.18 13.96
N LEU D 81 -10.10 -23.30 14.15
CA LEU D 81 -9.21 -22.94 13.06
C LEU D 81 -8.42 -24.15 12.56
N GLN D 82 -7.89 -24.95 13.49
CA GLN D 82 -7.05 -26.07 13.08
C GLN D 82 -7.88 -27.21 12.50
N SER D 83 -9.11 -27.42 13.00
CA SER D 83 -9.97 -28.44 12.40
C SER D 83 -10.36 -28.07 10.99
N GLY D 84 -10.53 -26.77 10.71
CA GLY D 84 -10.78 -26.34 9.35
C GLY D 84 -9.60 -26.56 8.44
N LEU D 85 -8.38 -26.35 8.96
CA LEU D 85 -7.20 -26.56 8.15
C LEU D 85 -6.98 -28.05 7.87
N ARG D 86 -7.22 -28.90 8.87
CA ARG D 86 -7.08 -30.34 8.67
C ARG D 86 -8.00 -30.84 7.56
N GLU D 87 -9.16 -30.20 7.37
CA GLU D 87 -10.02 -30.55 6.24
C GLU D 87 -9.33 -30.25 4.92
N TRP D 88 -8.75 -29.05 4.79
CA TRP D 88 -8.11 -28.68 3.54
C TRP D 88 -6.84 -29.49 3.30
N ILE D 89 -6.11 -29.85 4.36
CA ILE D 89 -4.95 -30.71 4.20
C ILE D 89 -5.38 -32.07 3.65
N HIS D 90 -6.39 -32.68 4.28
CA HIS D 90 -6.87 -33.99 3.83
C HIS D 90 -7.46 -33.91 2.43
N GLU D 91 -8.26 -32.88 2.16
CA GLU D 91 -8.95 -32.79 0.87
C GLU D 91 -7.98 -32.52 -0.28
N GLN D 92 -6.84 -31.89 0.00
CA GLN D 92 -5.90 -31.51 -1.05
C GLN D 92 -4.70 -32.41 -1.15
N THR D 93 -4.26 -33.03 -0.04
CA THR D 93 -3.09 -33.89 -0.06
C THR D 93 -3.38 -35.33 0.33
N HIS D 94 -4.42 -35.57 1.14
CA HIS D 94 -4.73 -36.90 1.66
C HIS D 94 -3.55 -37.49 2.42
N HIS D 95 -2.79 -36.65 3.10
CA HIS D 95 -1.64 -37.10 3.87
C HIS D 95 -1.92 -36.94 5.35
N PRO D 96 -1.60 -37.92 6.19
CA PRO D 96 -1.86 -37.77 7.63
C PRO D 96 -1.00 -36.69 8.25
N VAL D 97 -1.58 -35.95 9.19
CA VAL D 97 -0.87 -34.92 9.94
C VAL D 97 -1.11 -35.15 11.42
N GLY D 98 -0.07 -34.94 12.23
CA GLY D 98 -0.19 -35.06 13.66
C GLY D 98 -0.61 -33.77 14.34
N TYR D 99 0.15 -33.35 15.34
CA TYR D 99 -0.16 -32.12 16.05
C TYR D 99 0.10 -30.91 15.16
N LEU D 100 -0.55 -29.80 15.51
CA LEU D 100 -0.39 -28.53 14.80
C LEU D 100 -0.21 -27.43 15.83
N GLU D 101 0.69 -26.51 15.54
CA GLU D 101 0.88 -25.31 16.36
C GLU D 101 0.69 -24.08 15.49
N GLN D 102 -0.04 -23.10 16.01
CA GLN D 102 -0.31 -21.90 15.25
C GLN D 102 1.00 -21.17 14.97
N LEU D 103 1.17 -20.75 13.72
CA LEU D 103 2.43 -20.16 13.28
C LEU D 103 2.35 -18.63 13.36
N TYR D 104 1.59 -18.03 12.45
CA TYR D 104 1.50 -16.58 12.38
C TYR D 104 0.25 -16.20 11.62
N THR D 105 -0.27 -15.01 11.91
CA THR D 105 -1.44 -14.47 11.23
C THR D 105 -1.04 -13.17 10.56
N PHE D 106 -1.40 -13.03 9.28
CA PHE D 106 -1.02 -11.83 8.54
C PHE D 106 -2.11 -11.45 7.55
N ALA D 107 -2.24 -10.15 7.32
CA ALA D 107 -3.09 -9.63 6.27
C ALA D 107 -2.30 -9.53 4.96
N ASP D 108 -3.04 -9.44 3.86
CA ASP D 108 -2.39 -9.23 2.57
C ASP D 108 -1.97 -7.76 2.44
N ARG D 109 -1.29 -7.46 1.34
CA ARG D 109 -0.78 -6.12 1.10
C ARG D 109 -1.42 -5.55 -0.16
N ASP D 110 -1.81 -4.28 -0.08
CA ASP D 110 -2.38 -3.60 -1.24
C ASP D 110 -1.27 -3.06 -2.13
N LEU D 116 -7.94 -4.44 -6.73
CA LEU D 116 -8.26 -3.95 -5.39
C LEU D 116 -9.67 -4.37 -4.97
N GLY D 117 -9.74 -5.39 -4.11
CA GLY D 117 -11.03 -5.87 -3.64
C GLY D 117 -11.10 -5.95 -2.12
N GLY D 118 -11.40 -7.12 -1.59
CA GLY D 118 -11.43 -7.32 -0.16
C GLY D 118 -10.11 -7.82 0.39
N ARG D 119 -9.81 -7.42 1.62
CA ARG D 119 -8.58 -7.85 2.26
C ARG D 119 -8.69 -9.31 2.70
N THR D 120 -7.54 -9.96 2.84
CA THR D 120 -7.46 -11.36 3.24
C THR D 120 -6.58 -11.49 4.47
N ILE D 121 -7.04 -12.26 5.44
CA ILE D 121 -6.28 -12.58 6.65
C ILE D 121 -5.96 -14.06 6.62
N SER D 122 -4.68 -14.40 6.74
CA SER D 122 -4.21 -15.78 6.65
C SER D 122 -3.65 -16.21 7.99
N ILE D 123 -4.11 -17.36 8.48
CA ILE D 123 -3.60 -17.96 9.72
C ILE D 123 -2.81 -19.20 9.35
N GLY D 124 -1.50 -19.17 9.59
CA GLY D 124 -0.64 -20.30 9.29
C GLY D 124 -0.45 -21.23 10.48
N TYR D 125 -0.27 -22.51 10.17
CA TYR D 125 -0.01 -23.54 11.16
C TYR D 125 1.20 -24.37 10.74
N LEU D 126 2.01 -24.76 11.71
CA LEU D 126 3.17 -25.59 11.48
C LEU D 126 2.89 -27.02 11.92
N GLY D 127 3.29 -27.98 11.08
CA GLY D 127 3.12 -29.38 11.39
C GLY D 127 4.35 -30.20 11.07
N LEU D 128 4.66 -31.18 11.92
CA LEU D 128 5.78 -32.09 11.71
C LEU D 128 5.22 -33.49 11.53
N VAL D 129 5.54 -34.12 10.39
CA VAL D 129 5.11 -35.47 10.08
C VAL D 129 6.27 -36.23 9.47
N ARG D 130 6.11 -37.55 9.38
CA ARG D 130 6.99 -38.41 8.60
C ARG D 130 6.34 -38.64 7.24
N GLU D 131 7.10 -38.42 6.17
CA GLU D 131 6.57 -38.63 4.83
C GLU D 131 6.05 -40.06 4.70
N GLN D 132 4.80 -40.19 4.27
CA GLN D 132 4.07 -41.42 4.44
C GLN D 132 3.28 -41.82 3.19
N ALA D 140 0.26 -36.89 -2.67
CA ALA D 140 0.93 -35.82 -1.93
C ALA D 140 2.31 -35.55 -2.54
N PHE D 141 2.61 -34.26 -2.74
CA PHE D 141 3.84 -33.82 -3.38
C PHE D 141 4.68 -33.04 -2.39
N TRP D 142 5.97 -33.36 -2.33
CA TRP D 142 6.90 -32.76 -1.38
C TRP D 142 7.99 -31.99 -2.13
N HIS D 143 8.40 -30.86 -1.56
CA HIS D 143 9.53 -30.09 -2.05
C HIS D 143 10.42 -29.70 -0.88
N GLY D 144 11.72 -29.64 -1.15
CA GLY D 144 12.65 -29.24 -0.11
C GLY D 144 12.53 -27.78 0.24
N TRP D 145 12.88 -27.45 1.49
CA TRP D 145 12.92 -26.05 1.92
C TRP D 145 13.79 -25.21 0.99
N TYR D 146 14.98 -25.70 0.69
CA TYR D 146 16.00 -24.90 0.02
C TYR D 146 15.80 -24.81 -1.48
N GLU D 147 14.74 -25.42 -2.01
CA GLU D 147 14.31 -25.06 -3.36
C GLU D 147 13.72 -23.66 -3.39
N TYR D 148 13.06 -23.25 -2.31
CA TYR D 148 12.51 -21.90 -2.21
C TYR D 148 13.46 -20.94 -1.51
N PHE D 149 14.32 -21.44 -0.62
CA PHE D 149 15.29 -20.64 0.12
C PHE D 149 16.66 -21.29 0.03
N PRO D 150 17.29 -21.27 -1.15
CA PRO D 150 18.61 -21.92 -1.29
C PRO D 150 19.69 -21.29 -0.43
N TRP D 151 19.53 -20.02 -0.04
CA TRP D 151 20.54 -19.34 0.77
C TRP D 151 20.50 -19.75 2.24
N GLU D 152 19.53 -20.56 2.66
CA GLU D 152 19.37 -20.94 4.05
C GLU D 152 20.01 -22.28 4.37
N ASP D 153 20.74 -22.87 3.43
CA ASP D 153 21.39 -24.16 3.62
C ASP D 153 22.90 -23.95 3.63
N HIS D 154 23.50 -24.06 4.81
CA HIS D 154 24.94 -23.87 4.99
C HIS D 154 25.60 -25.11 5.55
N ARG D 155 25.05 -26.30 5.25
CA ARG D 155 25.63 -27.53 5.75
C ARG D 155 26.92 -27.88 5.00
N GLN D 156 26.84 -27.98 3.67
CA GLN D 156 28.02 -28.23 2.85
C GLN D 156 28.69 -26.90 2.46
N GLY D 157 29.08 -26.15 3.48
CA GLY D 157 29.71 -24.86 3.29
C GLY D 157 28.70 -23.77 2.99
N ARG D 158 29.22 -22.54 2.93
CA ARG D 158 28.39 -21.39 2.62
C ARG D 158 28.05 -21.37 1.13
N PRO D 159 26.78 -21.28 0.75
CA PRO D 159 26.41 -21.40 -0.66
C PRO D 159 26.93 -20.22 -1.47
N ASP D 160 26.90 -20.40 -2.80
CA ASP D 160 27.37 -19.39 -3.73
C ASP D 160 26.29 -18.38 -4.12
N ILE D 161 25.03 -18.65 -3.80
CA ILE D 161 23.96 -17.72 -4.16
C ILE D 161 24.08 -16.43 -3.35
N LEU D 162 24.74 -16.46 -2.20
CA LEU D 162 24.88 -15.26 -1.36
C LEU D 162 25.62 -14.16 -2.09
N ASP D 163 26.56 -14.51 -2.98
CA ASP D 163 27.31 -13.50 -3.70
C ASP D 163 26.38 -12.63 -4.56
N SER D 164 25.43 -13.26 -5.25
CA SER D 164 24.46 -12.48 -6.02
C SER D 164 23.47 -11.77 -5.12
N ILE D 165 23.18 -12.33 -3.94
CA ILE D 165 22.28 -11.66 -3.00
C ILE D 165 22.92 -10.37 -2.49
N ILE D 166 24.09 -10.49 -1.87
CA ILE D 166 24.75 -9.33 -1.28
C ILE D 166 25.06 -8.27 -2.32
N ASP D 167 25.29 -8.68 -3.57
CA ASP D 167 25.59 -7.75 -4.65
C ASP D 167 24.44 -6.77 -4.86
N LYS D 168 23.30 -7.27 -5.32
CA LYS D 168 22.16 -6.39 -5.59
C LYS D 168 21.54 -5.84 -4.32
N LEU D 169 21.83 -6.43 -3.17
CA LEU D 169 21.38 -5.86 -1.90
C LEU D 169 22.25 -4.67 -1.50
N ARG D 170 23.56 -4.75 -1.77
CA ARG D 170 24.44 -3.60 -1.55
C ARG D 170 24.04 -2.43 -2.44
N ALA D 171 23.70 -2.71 -3.70
CA ALA D 171 23.23 -1.65 -4.59
C ALA D 171 21.96 -1.00 -4.05
N TRP D 172 21.03 -1.80 -3.53
CA TRP D 172 19.81 -1.26 -2.93
C TRP D 172 20.13 -0.46 -1.67
N ALA D 173 21.03 -0.98 -0.83
CA ALA D 173 21.36 -0.28 0.41
C ALA D 173 22.04 1.06 0.13
N ASP D 174 22.81 1.16 -0.95
CA ASP D 174 23.51 2.38 -1.30
C ASP D 174 22.73 3.27 -2.27
N SER D 175 21.48 2.91 -2.57
CA SER D 175 20.72 3.68 -3.56
C SER D 175 20.34 5.06 -3.02
N GLU D 176 20.03 5.15 -1.74
CA GLU D 176 19.63 6.41 -1.12
C GLU D 176 20.55 6.72 0.05
N PRO D 177 21.44 7.70 -0.07
CA PRO D 177 22.41 7.95 1.02
C PRO D 177 21.77 8.29 2.35
N ASP D 178 20.57 8.87 2.35
CA ASP D 178 19.92 9.20 3.62
C ASP D 178 19.52 7.95 4.39
N SER D 179 19.29 6.83 3.70
CA SER D 179 18.89 5.60 4.35
C SER D 179 19.94 4.51 4.25
N ARG D 180 21.14 4.84 3.77
CA ARG D 180 22.17 3.83 3.57
C ARG D 180 22.60 3.21 4.90
N ALA D 181 22.78 4.03 5.93
CA ALA D 181 23.21 3.51 7.22
C ALA D 181 22.20 2.54 7.81
N GLN D 182 20.90 2.82 7.64
CA GLN D 182 19.88 1.91 8.14
C GLN D 182 19.90 0.59 7.39
N ARG D 183 20.00 0.63 6.06
CA ARG D 183 19.90 -0.60 5.27
C ARG D 183 21.13 -1.48 5.43
N HIS D 184 22.32 -0.87 5.48
CA HIS D 184 23.53 -1.65 5.75
C HIS D 184 23.45 -2.38 7.08
N LEU D 185 22.88 -1.72 8.09
CA LEU D 185 22.74 -2.36 9.40
C LEU D 185 21.69 -3.46 9.38
N ARG D 186 20.63 -3.29 8.59
CA ARG D 186 19.65 -4.37 8.41
C ARG D 186 20.21 -5.50 7.54
N ALA D 187 20.87 -5.15 6.43
CA ALA D 187 21.42 -6.16 5.54
C ALA D 187 22.56 -6.93 6.21
N ASP D 188 23.26 -6.31 7.15
CA ASP D 188 24.30 -7.03 7.89
C ASP D 188 23.70 -7.94 8.95
N PHE D 189 22.63 -7.48 9.61
CA PHE D 189 21.97 -8.29 10.63
C PHE D 189 21.40 -9.56 10.02
N THR D 190 20.87 -9.48 8.80
CA THR D 190 20.22 -10.60 8.15
C THR D 190 21.17 -11.40 7.26
N PHE D 191 21.88 -10.73 6.37
CA PHE D 191 22.72 -11.38 5.38
C PHE D 191 24.22 -11.19 5.62
N GLY D 192 24.62 -10.48 6.66
CA GLY D 192 26.03 -10.22 6.89
C GLY D 192 26.67 -9.35 5.83
N LEU D 193 25.99 -8.27 5.42
CA LEU D 193 26.52 -7.39 4.39
C LEU D 193 27.75 -6.63 4.86
N ASP D 194 27.82 -6.30 6.15
CA ASP D 194 28.97 -5.63 6.75
C ASP D 194 29.83 -6.59 7.57
N GLY D 195 29.90 -7.86 7.16
CA GLY D 195 30.73 -8.83 7.86
C GLY D 195 30.10 -9.49 9.06
N GLY D 196 28.81 -9.24 9.33
CA GLY D 196 28.16 -9.85 10.48
C GLY D 196 28.08 -11.36 10.37
N GLY D 197 27.93 -12.00 11.53
CA GLY D 197 27.82 -13.43 11.57
C GLY D 197 26.48 -13.92 11.05
N TRP D 198 26.44 -15.18 10.67
CA TRP D 198 25.23 -15.80 10.11
C TRP D 198 24.37 -16.32 11.25
N ASN D 199 23.14 -15.82 11.33
CA ASN D 199 22.15 -16.29 12.29
C ASN D 199 21.11 -17.10 11.53
N GLU D 200 21.00 -18.39 11.87
CA GLU D 200 20.11 -19.28 11.12
C GLU D 200 18.65 -19.04 11.43
N GLU D 201 18.34 -18.38 12.55
CA GLU D 201 16.95 -18.14 12.94
C GLU D 201 16.29 -17.01 12.17
N LEU D 202 17.07 -16.16 11.49
CA LEU D 202 16.55 -14.97 10.82
C LEU D 202 16.04 -15.26 9.42
N THR D 203 15.46 -16.45 9.20
CA THR D 203 14.97 -16.80 7.87
C THR D 203 13.88 -15.83 7.40
N LEU D 204 12.97 -15.46 8.30
CA LEU D 204 11.88 -14.57 7.92
C LEU D 204 12.38 -13.16 7.64
N GLN D 205 13.25 -12.63 8.51
CA GLN D 205 13.77 -11.28 8.31
C GLN D 205 14.59 -11.19 7.03
N ARG D 206 15.31 -12.25 6.67
CA ARG D 206 16.04 -12.26 5.41
C ARG D 206 15.10 -12.17 4.22
N TYR D 207 14.01 -12.94 4.25
CA TYR D 207 13.07 -12.92 3.13
C TYR D 207 12.33 -11.59 3.06
N GLU D 208 12.00 -11.01 4.21
CA GLU D 208 11.30 -9.73 4.21
C GLU D 208 12.19 -8.61 3.68
N LEU D 209 13.50 -8.68 3.91
CA LEU D 209 14.40 -7.69 3.35
C LEU D 209 14.49 -7.84 1.84
N LEU D 210 14.59 -9.07 1.35
CA LEU D 210 14.58 -9.31 -0.09
C LEU D 210 13.30 -8.82 -0.73
N TYR D 211 12.17 -8.89 0.00
CA TYR D 211 10.93 -8.34 -0.51
C TYR D 211 10.98 -6.81 -0.56
N GLU D 212 11.48 -6.18 0.50
CA GLU D 212 11.55 -4.73 0.54
C GLU D 212 12.47 -4.19 -0.55
N ALA D 213 13.58 -4.86 -0.80
CA ALA D 213 14.50 -4.47 -1.85
C ALA D 213 14.05 -4.91 -3.24
N GLY D 214 12.91 -5.60 -3.34
CA GLY D 214 12.44 -6.07 -4.62
C GLY D 214 13.26 -7.18 -5.23
N LEU D 215 13.94 -7.98 -4.41
CA LEU D 215 14.80 -9.05 -4.89
C LEU D 215 14.09 -10.40 -4.94
N VAL D 216 12.77 -10.44 -4.75
CA VAL D 216 11.99 -11.65 -4.94
C VAL D 216 10.81 -11.33 -5.83
N GLY D 217 10.36 -12.34 -6.59
CA GLY D 217 9.29 -12.12 -7.56
C GLY D 217 7.99 -11.68 -6.93
N GLU D 218 7.73 -12.09 -5.69
CA GLU D 218 6.50 -11.69 -5.01
C GLU D 218 6.42 -10.19 -4.80
N ALA D 219 7.56 -9.49 -4.77
CA ALA D 219 7.54 -8.05 -4.57
C ALA D 219 7.14 -7.28 -5.82
N GLN D 220 7.26 -7.89 -7.00
CA GLN D 220 6.93 -7.30 -8.29
C GLN D 220 7.28 -5.82 -8.40
N ARG D 224 12.43 -7.21 -12.95
CA ARG D 224 12.16 -8.52 -12.37
C ARG D 224 13.44 -9.19 -11.89
N ILE D 225 13.66 -9.15 -10.57
CA ILE D 225 14.78 -9.84 -9.93
C ILE D 225 14.20 -10.77 -8.89
N ASN D 226 14.63 -12.04 -8.92
CA ASN D 226 14.10 -13.04 -8.01
C ASN D 226 15.17 -14.08 -7.71
N PHE D 227 15.21 -14.52 -6.45
CA PHE D 227 16.11 -15.58 -6.02
C PHE D 227 15.29 -16.65 -5.31
N GLY D 228 15.56 -17.92 -5.64
CA GLY D 228 14.77 -19.01 -5.14
C GLY D 228 13.44 -19.15 -5.85
N ARG D 229 12.79 -20.30 -5.74
CA ARG D 229 11.53 -20.49 -6.45
C ARG D 229 10.44 -19.70 -5.74
N PRO D 230 9.73 -18.81 -6.43
CA PRO D 230 8.63 -18.09 -5.79
C PRO D 230 7.39 -18.97 -5.62
N PHE D 232 2.94 -18.74 -4.81
CA PHE D 232 1.81 -17.85 -5.01
C PHE D 232 1.50 -17.06 -3.74
N ALA D 233 1.06 -15.82 -3.94
CA ALA D 233 0.66 -14.90 -2.86
C ALA D 233 1.85 -14.76 -1.89
N ASP D 234 1.62 -14.82 -0.58
CA ASP D 234 2.67 -14.70 0.41
C ASP D 234 3.02 -16.04 1.04
N HIS D 235 2.95 -17.12 0.28
CA HIS D 235 3.19 -18.44 0.86
C HIS D 235 4.65 -18.64 1.24
N ARG D 236 5.58 -18.01 0.53
CA ARG D 236 6.97 -18.08 0.95
C ARG D 236 7.19 -17.36 2.27
N ARG D 237 6.40 -16.32 2.55
CA ARG D 237 6.55 -15.59 3.82
C ARG D 237 6.17 -16.48 5.00
N ILE D 238 5.09 -17.24 4.87
CA ILE D 238 4.69 -18.11 5.98
C ILE D 238 5.58 -19.35 6.06
N LEU D 239 6.11 -19.80 4.92
CA LEU D 239 7.10 -20.88 4.95
C LEU D 239 8.36 -20.44 5.70
N ALA D 240 8.85 -19.24 5.41
CA ALA D 240 10.00 -18.70 6.14
C ALA D 240 9.71 -18.61 7.63
N THR D 241 8.47 -18.24 7.99
CA THR D 241 8.09 -18.22 9.41
C THR D 241 8.13 -19.62 10.01
N GLY D 242 7.69 -20.62 9.25
CA GLY D 242 7.75 -21.99 9.74
C GLY D 242 9.19 -22.47 9.90
N ILE D 243 10.05 -22.14 8.93
CA ILE D 243 11.46 -22.51 9.03
C ILE D 243 12.07 -21.84 10.27
N ALA D 244 11.81 -20.56 10.45
CA ALA D 244 12.36 -19.84 11.60
C ALA D 244 11.82 -20.42 12.92
N ARG D 245 10.54 -20.75 12.96
CA ARG D 245 9.96 -21.32 14.17
C ARG D 245 10.63 -22.64 14.55
N LEU D 246 10.90 -23.49 13.54
CA LEU D 246 11.54 -24.77 13.81
C LEU D 246 12.98 -24.60 14.26
N ARG D 247 13.69 -23.64 13.67
CA ARG D 247 15.09 -23.42 14.06
C ARG D 247 15.18 -22.80 15.45
N ALA D 248 14.20 -22.00 15.85
CA ALA D 248 14.17 -21.49 17.22
C ALA D 248 13.70 -22.54 18.22
N LYS D 249 12.92 -23.53 17.78
CA LYS D 249 12.46 -24.57 18.68
C LYS D 249 13.58 -25.52 19.04
N ILE D 250 14.41 -25.91 18.06
CA ILE D 250 15.45 -26.88 18.31
C ILE D 250 16.62 -26.30 19.08
N LYS D 251 16.77 -24.98 19.11
CA LYS D 251 17.89 -24.37 19.81
C LYS D 251 17.70 -24.42 21.33
N TYR D 252 16.50 -24.07 21.80
CA TYR D 252 16.24 -24.00 23.23
C TYR D 252 15.74 -25.33 23.81
N ARG D 253 14.78 -25.96 23.15
CA ARG D 253 14.22 -27.23 23.64
C ARG D 253 13.71 -28.06 22.47
N PRO D 254 14.55 -28.93 21.88
CA PRO D 254 14.10 -29.66 20.68
C PRO D 254 13.10 -30.77 20.96
N VAL D 255 11.82 -30.46 20.76
CA VAL D 255 10.75 -31.45 20.84
C VAL D 255 10.27 -31.74 19.43
N VAL D 256 10.86 -32.75 18.79
CA VAL D 256 10.61 -33.02 17.38
C VAL D 256 10.32 -34.51 17.18
N PHE D 257 9.58 -35.12 18.12
CA PHE D 257 9.35 -36.56 18.04
C PHE D 257 8.51 -36.93 16.82
N GLU D 258 7.68 -36.00 16.32
CA GLU D 258 6.83 -36.30 15.17
C GLU D 258 7.65 -36.49 13.90
N LEU D 259 8.78 -35.80 13.78
CA LEU D 259 9.69 -36.04 12.67
C LEU D 259 10.51 -37.32 12.86
N ALA D 261 11.46 -41.34 14.14
CA ALA D 261 10.96 -42.68 14.34
C ALA D 261 10.85 -42.98 15.84
N ASP D 262 10.16 -44.09 16.15
CA ASP D 262 9.94 -44.45 17.55
C ASP D 262 11.26 -44.70 18.29
N SER D 263 12.32 -45.07 17.58
CA SER D 263 13.63 -45.26 18.19
C SER D 263 14.69 -44.68 17.27
N PHE D 264 15.73 -44.12 17.88
CA PHE D 264 16.74 -43.40 17.12
C PHE D 264 18.04 -43.28 17.90
N GLN D 268 21.94 -39.26 15.64
CA GLN D 268 20.93 -39.28 14.59
C GLN D 268 20.02 -38.07 14.68
N LEU D 269 19.75 -37.63 15.91
CA LEU D 269 19.04 -36.37 16.10
C LEU D 269 19.82 -35.19 15.55
N GLN D 270 21.15 -35.29 15.47
CA GLN D 270 21.94 -34.21 14.92
C GLN D 270 21.71 -34.05 13.42
N ARG D 271 21.81 -35.14 12.66
CA ARG D 271 21.66 -35.05 11.21
C ARG D 271 20.29 -34.54 10.79
N ALA D 272 19.28 -34.68 11.65
CA ALA D 272 17.95 -34.15 11.38
C ALA D 272 17.82 -32.70 11.86
N ILE D 273 18.28 -32.42 13.08
CA ILE D 273 18.24 -31.05 13.58
C ILE D 273 19.21 -30.17 12.82
N GLU D 274 20.35 -30.72 12.39
CA GLU D 274 21.24 -29.96 11.51
C GLU D 274 20.63 -29.76 10.14
N ALA D 275 19.68 -30.60 9.74
CA ALA D 275 18.97 -30.39 8.48
C ALA D 275 17.93 -29.28 8.60
N LEU D 276 17.31 -29.15 9.77
CA LEU D 276 16.34 -28.08 9.99
C LEU D 276 17.04 -26.73 10.13
N ALA D 277 18.20 -26.70 10.80
CA ALA D 277 18.92 -25.45 11.03
C ALA D 277 19.81 -25.08 9.86
N GLY D 278 20.12 -26.02 8.96
CA GLY D 278 21.01 -25.73 7.85
C GLY D 278 22.45 -25.50 8.25
N LEU D 279 22.86 -26.00 9.42
CA LEU D 279 24.21 -25.82 9.93
C LEU D 279 24.67 -27.10 10.60
N THR D 280 25.98 -27.31 10.63
CA THR D 280 26.56 -28.44 11.34
C THR D 280 26.72 -28.10 12.82
N LEU D 281 26.28 -29.01 13.69
CA LEU D 281 26.30 -28.78 15.13
C LEU D 281 27.52 -29.42 15.78
N HIS D 282 27.78 -29.00 17.02
CA HIS D 282 28.85 -29.57 17.81
C HIS D 282 28.32 -30.77 18.59
N LYS D 283 29.13 -31.84 18.64
CA LYS D 283 28.64 -33.10 19.17
C LYS D 283 28.46 -33.04 20.68
N GLN D 284 29.41 -32.44 21.40
CA GLN D 284 29.34 -32.44 22.86
C GLN D 284 28.37 -31.39 23.38
N ASN D 285 28.37 -30.20 22.79
CA ASN D 285 27.42 -29.17 23.19
C ASN D 285 25.97 -29.55 22.90
N PHE D 286 25.74 -30.44 21.92
CA PHE D 286 24.39 -30.89 21.61
C PHE D 286 23.90 -31.88 22.66
N ARG D 287 24.74 -32.84 23.04
CA ARG D 287 24.32 -33.87 23.99
C ARG D 287 23.92 -33.26 25.33
N ARG D 288 24.64 -32.21 25.77
CA ARG D 288 24.29 -31.54 27.01
C ARG D 288 22.92 -30.85 26.91
N LEU D 289 22.51 -30.45 25.71
CA LEU D 289 21.23 -29.75 25.56
C LEU D 289 20.06 -30.64 25.91
N ILE D 290 20.05 -31.88 25.43
CA ILE D 290 18.99 -32.82 25.77
C ILE D 290 19.08 -33.27 27.22
N GLU D 291 20.26 -33.16 27.83
CA GLU D 291 20.47 -33.74 29.15
C GLU D 291 19.76 -32.95 30.26
N GLN D 292 19.82 -31.62 30.21
CA GLN D 292 19.13 -30.80 31.21
C GLN D 292 17.68 -30.54 30.84
N GLN D 293 17.33 -30.61 29.55
CA GLN D 293 15.92 -30.48 29.16
C GLN D 293 15.13 -31.75 29.45
N GLN D 294 15.81 -32.88 29.66
CA GLN D 294 15.17 -34.16 30.00
C GLN D 294 14.10 -34.53 28.97
N LEU D 295 14.58 -34.87 27.77
CA LEU D 295 13.71 -35.11 26.63
C LEU D 295 13.68 -36.57 26.19
N VAL D 296 14.78 -37.30 26.30
CA VAL D 296 14.89 -38.64 25.74
C VAL D 296 15.27 -39.64 26.84
N GLU D 297 15.25 -40.92 26.48
CA GLU D 297 15.63 -42.01 27.36
C GLU D 297 16.00 -43.21 26.49
N GLU D 298 16.69 -44.17 27.10
CA GLU D 298 17.15 -45.33 26.35
C GLU D 298 15.99 -46.27 26.05
N THR D 299 16.21 -47.15 25.08
CA THR D 299 15.13 -47.98 24.53
C THR D 299 15.43 -49.47 24.67
N GLY D 300 16.36 -50.00 23.91
CA GLY D 300 16.65 -51.42 23.95
C GLY D 300 17.16 -51.95 22.62
N PHE D 314 17.67 -44.47 21.32
CA PHE D 314 16.96 -43.60 22.25
C PHE D 314 15.53 -43.33 21.79
N ARG D 315 14.72 -42.78 22.68
CA ARG D 315 13.36 -42.39 22.37
C ARG D 315 12.95 -41.25 23.28
N PHE D 316 12.03 -40.42 22.81
CA PHE D 316 11.52 -39.32 23.61
C PHE D 316 10.73 -39.85 24.80
N ARG D 317 10.90 -39.19 25.95
CA ARG D 317 10.25 -39.64 27.18
C ARG D 317 8.73 -39.59 27.03
N GLN D 318 8.05 -40.40 27.83
CA GLN D 318 6.59 -40.45 27.79
C GLN D 318 5.98 -39.14 28.29
N THR D 319 6.69 -38.42 29.16
CA THR D 319 6.13 -37.19 29.71
C THR D 319 6.05 -36.09 28.66
N VAL D 320 7.09 -35.94 27.83
CA VAL D 320 7.08 -34.90 26.81
C VAL D 320 6.02 -35.15 25.74
N LEU D 321 5.54 -36.40 25.62
CA LEU D 321 4.39 -36.65 24.77
C LEU D 321 3.10 -36.14 25.41
N ASP D 322 3.03 -36.16 26.75
CA ASP D 322 1.81 -35.72 27.42
C ASP D 322 1.66 -34.20 27.37
N GLU D 323 2.69 -33.47 27.78
CA GLU D 323 2.59 -32.01 27.78
C GLU D 323 2.49 -31.43 26.38
N ARG D 324 2.85 -32.19 25.34
CA ARG D 324 2.59 -31.77 23.98
C ARG D 324 1.14 -31.99 23.59
N ALA D 325 0.56 -33.12 23.99
CA ALA D 325 -0.83 -33.41 23.67
C ALA D 325 -1.80 -32.59 24.50
N LEU D 326 -1.35 -31.99 25.60
CA LEU D 326 -2.20 -31.21 26.48
C LEU D 326 -2.03 -29.71 26.31
N SER D 327 -1.08 -29.26 25.49
CA SER D 327 -0.81 -27.84 25.32
C SER D 327 -1.57 -27.21 24.16
N GLY D 328 -2.16 -28.02 23.27
CA GLY D 328 -2.97 -27.47 22.21
C GLY D 328 -2.15 -26.86 21.08
N THR D 329 -2.69 -25.79 20.49
CA THR D 329 -2.06 -25.12 19.36
C THR D 329 -1.37 -23.81 19.74
N LYS D 330 -1.66 -23.25 20.91
CA LYS D 330 -1.07 -21.99 21.36
C LYS D 330 0.07 -22.31 22.32
N LEU D 331 1.21 -22.70 21.76
CA LEU D 331 2.37 -23.06 22.56
C LEU D 331 3.00 -21.80 23.19
N PRO D 332 3.37 -21.87 24.47
CA PRO D 332 4.12 -20.75 25.07
C PRO D 332 5.54 -20.66 24.52
N LEU D 333 5.79 -19.67 23.68
CA LEU D 333 7.07 -19.50 23.02
C LEU D 333 7.73 -18.21 23.47
N SER D 334 9.03 -18.10 23.22
CA SER D 334 9.78 -16.91 23.60
C SER D 334 9.67 -15.80 22.56
N ARG D 335 9.34 -16.13 21.31
CA ARG D 335 9.22 -15.13 20.26
C ARG D 335 8.15 -15.55 19.27
N ASN D 336 7.68 -14.58 18.49
CA ASN D 336 6.70 -14.84 17.44
C ASN D 336 6.59 -13.64 16.51
#